data_6YMN
#
_entry.id   6YMN
#
_cell.length_a   66.128
_cell.length_b   64.998
_cell.length_c   97.865
_cell.angle_alpha   90.000
_cell.angle_beta   93.813
_cell.angle_gamma   90.000
#
_symmetry.space_group_name_H-M   'P 1 21 1'
#
loop_
_entity.id
_entity.type
_entity.pdbx_description
1 polymer AbmU
2 non-polymer 'BROMIDE ION'
3 water water
#
_entity_poly.entity_id   1
_entity_poly.type   'polypeptide(L)'
_entity_poly.pdbx_seq_one_letter_code
;MAHHHHHHSSGLEVLFQGPMNERFTLPAHSPALAALVPEFLDLARAASGDPAAEERDLAVWENLTEHVSLDYRFANPPVH
GPGDWDTYDSRFVDPAGVEIGTLQGTGRILYERSSDAHLMMYYREQLTFPDGTAQTAGWVDGTAILGGAWQRFPILGSGG
RYGSMIGLRSFQPTPEAPHSLYRTHLVLREIPGGHGLTDPEEIDAALSLLGAFVGPSVNPATGNGRLEPPVRAGRTA
;
_entity_poly.pdbx_strand_id   AAA,BBB,CCC,DDD
#
# COMPACT_ATOMS: atom_id res chain seq x y z
N GLY A 11 9.87 -7.97 -19.83
CA GLY A 11 10.06 -9.42 -19.54
C GLY A 11 10.10 -9.72 -18.05
N LEU A 12 10.57 -8.77 -17.24
CA LEU A 12 10.86 -9.00 -15.81
C LEU A 12 9.62 -9.55 -15.08
N GLU A 13 8.40 -9.09 -15.43
CA GLU A 13 7.16 -9.45 -14.70
C GLU A 13 6.51 -10.71 -15.29
N VAL A 14 6.89 -11.15 -16.48
CA VAL A 14 6.11 -12.21 -17.18
C VAL A 14 6.96 -13.49 -17.32
N LEU A 15 6.27 -14.61 -17.55
CA LEU A 15 6.89 -15.96 -17.60
C LEU A 15 7.67 -16.15 -18.90
N PHE A 16 7.07 -15.79 -20.05
CA PHE A 16 7.73 -15.76 -21.40
C PHE A 16 7.51 -14.38 -22.03
N GLN A 17 8.60 -13.63 -22.19
CA GLN A 17 8.60 -12.24 -22.72
C GLN A 17 8.36 -12.29 -24.24
N GLY A 18 7.99 -11.16 -24.82
CA GLY A 18 7.86 -10.97 -26.28
C GLY A 18 6.41 -10.97 -26.74
N PRO A 19 6.10 -10.30 -27.88
CA PRO A 19 4.71 -10.12 -28.34
C PRO A 19 3.99 -11.42 -28.75
N MET A 20 4.74 -12.49 -29.02
CA MET A 20 4.22 -13.84 -29.41
CA MET A 20 4.16 -13.81 -29.43
C MET A 20 3.52 -14.49 -28.22
N ASN A 21 3.76 -13.97 -27.00
CA ASN A 21 3.21 -14.48 -25.71
C ASN A 21 2.13 -13.53 -25.15
N GLU A 22 1.71 -12.52 -25.91
CA GLU A 22 0.63 -11.60 -25.50
C GLU A 22 -0.68 -12.38 -25.40
N ARG A 23 -0.80 -13.46 -26.14
CA ARG A 23 -2.04 -14.27 -26.16
C ARG A 23 -2.12 -15.23 -24.97
N PHE A 24 -1.03 -15.37 -24.20
CA PHE A 24 -1.04 -16.24 -23.01
C PHE A 24 0.06 -15.82 -22.03
N THR A 25 -0.15 -14.68 -21.41
CA THR A 25 0.78 -14.02 -20.47
C THR A 25 0.47 -14.47 -19.03
N LEU A 26 1.45 -15.13 -18.38
CA LEU A 26 1.44 -15.53 -16.94
C LEU A 26 2.54 -14.74 -16.24
N PRO A 27 2.39 -14.41 -14.93
CA PRO A 27 3.47 -13.75 -14.22
C PRO A 27 4.71 -14.66 -14.09
N ALA A 28 5.86 -14.03 -13.89
CA ALA A 28 7.18 -14.68 -13.78
C ALA A 28 7.22 -15.65 -12.58
N HIS A 29 6.42 -15.37 -11.53
CA HIS A 29 6.40 -16.19 -10.29
C HIS A 29 5.49 -17.42 -10.44
N SER A 30 4.92 -17.66 -11.63
CA SER A 30 3.93 -18.75 -11.81
C SER A 30 4.53 -20.09 -11.39
N PRO A 31 5.76 -20.47 -11.78
CA PRO A 31 6.32 -21.76 -11.36
C PRO A 31 6.42 -21.93 -9.83
N ALA A 32 6.79 -20.91 -9.08
CA ALA A 32 6.81 -21.02 -7.59
C ALA A 32 5.39 -21.33 -7.09
N LEU A 33 4.37 -20.67 -7.64
CA LEU A 33 2.96 -20.88 -7.24
C LEU A 33 2.56 -22.32 -7.53
N ALA A 34 2.84 -22.81 -8.73
CA ALA A 34 2.55 -24.19 -9.15
C ALA A 34 3.19 -25.21 -8.20
N ALA A 35 4.42 -24.94 -7.75
CA ALA A 35 5.21 -25.83 -6.85
C ALA A 35 4.44 -26.08 -5.55
N LEU A 36 3.65 -25.12 -5.06
CA LEU A 36 2.91 -25.25 -3.78
C LEU A 36 1.81 -26.31 -3.87
N VAL A 37 1.30 -26.62 -5.06
CA VAL A 37 0.03 -27.40 -5.12
C VAL A 37 0.31 -28.84 -4.70
N PRO A 38 1.26 -29.58 -5.32
CA PRO A 38 1.59 -30.93 -4.85
C PRO A 38 1.93 -31.01 -3.35
N GLU A 39 2.66 -30.01 -2.85
CA GLU A 39 3.06 -29.91 -1.42
C GLU A 39 1.79 -29.82 -0.55
N PHE A 40 0.93 -28.85 -0.84
CA PHE A 40 -0.37 -28.66 -0.15
C PHE A 40 -1.14 -29.98 -0.10
N LEU A 41 -1.30 -30.66 -1.25
CA LEU A 41 -2.07 -31.94 -1.32
C LEU A 41 -1.37 -33.03 -0.47
N ASP A 42 -0.06 -32.94 -0.32
CA ASP A 42 0.72 -33.99 0.36
C ASP A 42 0.60 -33.85 1.88
N LEU A 43 0.19 -32.69 2.41
CA LEU A 43 0.16 -32.42 3.87
C LEU A 43 -0.69 -33.49 4.59
N ALA A 44 -1.85 -33.83 4.05
CA ALA A 44 -2.80 -34.80 4.62
C ALA A 44 -2.03 -35.92 5.33
N ARG A 45 -1.15 -36.58 4.58
CA ARG A 45 -0.43 -37.80 5.01
C ARG A 45 0.86 -37.40 5.74
N ASP A 57 10.78 -31.00 8.67
CA ASP A 57 10.22 -30.24 9.83
C ASP A 57 8.71 -30.08 9.62
N LEU A 58 7.91 -30.71 10.49
CA LEU A 58 6.42 -30.78 10.43
C LEU A 58 5.92 -30.32 11.78
N ALA A 59 5.24 -29.17 11.85
CA ALA A 59 4.54 -28.71 13.08
C ALA A 59 3.06 -29.02 12.94
N VAL A 60 2.53 -29.88 13.82
CA VAL A 60 1.08 -30.17 13.94
C VAL A 60 0.57 -29.79 15.34
N TRP A 61 -0.61 -29.17 15.40
CA TRP A 61 -1.35 -28.87 16.66
C TRP A 61 -2.80 -29.32 16.47
N GLU A 62 -3.18 -30.50 16.97
CA GLU A 62 -4.56 -31.00 16.87
C GLU A 62 -5.32 -30.63 18.15
N ASN A 63 -6.61 -30.33 17.99
CA ASN A 63 -7.61 -30.24 19.10
C ASN A 63 -7.20 -29.11 20.04
N LEU A 64 -6.56 -28.07 19.48
CA LEU A 64 -6.29 -26.80 20.20
C LEU A 64 -7.63 -26.25 20.64
N THR A 65 -7.65 -25.61 21.80
CA THR A 65 -8.74 -24.72 22.23
C THR A 65 -8.32 -23.31 21.87
N GLU A 66 -9.07 -22.68 20.96
CA GLU A 66 -8.75 -21.33 20.46
C GLU A 66 -9.64 -20.36 21.21
N HIS A 67 -9.06 -19.62 22.14
CA HIS A 67 -9.77 -18.60 22.95
C HIS A 67 -9.83 -17.34 22.08
N VAL A 68 -11.02 -16.96 21.63
CA VAL A 68 -11.20 -15.82 20.68
C VAL A 68 -11.88 -14.65 21.40
N SER A 69 -11.21 -13.50 21.38
CA SER A 69 -11.74 -12.17 21.77
C SER A 69 -12.13 -11.40 20.50
N LEU A 70 -13.42 -11.43 20.16
CA LEU A 70 -14.00 -10.79 18.94
C LEU A 70 -14.43 -9.36 19.25
N ASP A 71 -14.13 -8.45 18.33
CA ASP A 71 -14.51 -7.00 18.35
C ASP A 71 -15.30 -6.78 17.05
N TYR A 72 -16.63 -6.91 17.06
CA TYR A 72 -17.50 -6.95 15.86
C TYR A 72 -18.29 -5.63 15.68
N ARG A 73 -18.15 -5.05 14.49
CA ARG A 73 -18.83 -3.80 14.12
C ARG A 73 -19.92 -4.04 13.06
N PHE A 74 -21.04 -3.31 13.17
CA PHE A 74 -22.11 -3.27 12.14
C PHE A 74 -22.06 -1.90 11.43
N ALA A 75 -22.65 -1.83 10.24
CA ALA A 75 -22.73 -0.62 9.38
C ALA A 75 -24.19 -0.18 9.21
N ASN A 76 -25.13 -1.14 9.25
CA ASN A 76 -26.60 -0.89 9.24
C ASN A 76 -27.28 -1.92 10.15
N PRO A 77 -26.97 -1.90 11.47
CA PRO A 77 -27.73 -2.70 12.44
C PRO A 77 -29.23 -2.43 12.31
N PRO A 78 -30.12 -3.40 12.65
CA PRO A 78 -29.71 -4.65 13.28
C PRO A 78 -29.15 -5.69 12.28
N VAL A 79 -29.59 -5.59 11.02
CA VAL A 79 -29.43 -6.63 9.96
C VAL A 79 -27.94 -6.85 9.65
N HIS A 80 -27.54 -8.12 9.56
CA HIS A 80 -26.20 -8.58 9.10
C HIS A 80 -26.10 -8.36 7.59
N GLY A 81 -25.11 -7.59 7.13
CA GLY A 81 -24.96 -7.24 5.71
C GLY A 81 -23.59 -6.66 5.36
N PRO A 82 -23.36 -6.37 4.05
CA PRO A 82 -22.12 -5.74 3.61
C PRO A 82 -21.77 -4.50 4.43
N GLY A 83 -20.48 -4.33 4.77
CA GLY A 83 -19.97 -3.23 5.60
C GLY A 83 -19.67 -3.68 7.03
N ASP A 84 -20.36 -4.72 7.52
CA ASP A 84 -20.01 -5.36 8.82
C ASP A 84 -18.56 -5.87 8.70
N TRP A 85 -17.78 -5.71 9.77
CA TRP A 85 -16.35 -6.09 9.80
C TRP A 85 -15.99 -6.48 11.24
N ASP A 86 -14.74 -6.88 11.48
CA ASP A 86 -14.28 -7.30 12.83
C ASP A 86 -12.76 -7.35 12.90
N THR A 87 -12.25 -7.32 14.15
CA THR A 87 -10.90 -7.76 14.54
C THR A 87 -11.07 -8.80 15.65
N TYR A 88 -10.14 -9.72 15.78
CA TYR A 88 -10.18 -10.75 16.83
C TYR A 88 -8.75 -11.04 17.23
N ASP A 89 -8.55 -11.35 18.51
CA ASP A 89 -7.28 -11.86 19.06
C ASP A 89 -7.62 -13.26 19.54
N SER A 90 -6.81 -14.23 19.18
CA SER A 90 -7.00 -15.65 19.57
C SER A 90 -5.78 -16.09 20.38
N ARG A 91 -5.99 -16.98 21.34
CA ARG A 91 -4.90 -17.70 22.03
C ARG A 91 -5.09 -19.18 21.72
N PHE A 92 -4.02 -19.85 21.31
CA PHE A 92 -4.04 -21.28 20.96
C PHE A 92 -3.57 -22.06 22.20
N VAL A 93 -4.46 -22.78 22.89
CA VAL A 93 -4.13 -23.57 24.11
C VAL A 93 -4.26 -25.07 23.80
N ASP A 94 -3.17 -25.83 23.90
CA ASP A 94 -3.17 -27.30 23.67
C ASP A 94 -4.00 -27.98 24.76
N PRO A 95 -4.26 -29.31 24.68
CA PRO A 95 -5.12 -29.96 25.66
C PRO A 95 -4.58 -29.90 27.10
N ALA A 96 -3.26 -29.99 27.28
CA ALA A 96 -2.56 -29.87 28.59
C ALA A 96 -2.74 -28.47 29.20
N GLY A 97 -3.18 -27.47 28.43
CA GLY A 97 -3.44 -26.10 28.93
C GLY A 97 -2.34 -25.10 28.57
N VAL A 98 -1.34 -25.52 27.80
CA VAL A 98 -0.17 -24.69 27.35
C VAL A 98 -0.60 -23.76 26.20
N GLU A 99 -0.41 -22.46 26.36
CA GLU A 99 -0.49 -21.47 25.25
C GLU A 99 0.66 -21.69 24.26
N ILE A 100 0.36 -22.17 23.03
CA ILE A 100 1.40 -22.55 22.03
C ILE A 100 1.57 -21.44 20.98
N GLY A 101 0.69 -20.43 20.95
CA GLY A 101 0.81 -19.27 20.06
C GLY A 101 -0.44 -18.40 20.11
N THR A 102 -0.44 -17.30 19.38
CA THR A 102 -1.57 -16.33 19.29
C THR A 102 -1.85 -15.95 17.83
N LEU A 103 -2.99 -15.33 17.59
CA LEU A 103 -3.39 -14.95 16.22
C LEU A 103 -4.10 -13.60 16.32
N GLN A 104 -3.77 -12.69 15.41
CA GLN A 104 -4.53 -11.44 15.18
C GLN A 104 -5.21 -11.60 13.83
N GLY A 105 -6.53 -11.44 13.80
CA GLY A 105 -7.35 -11.60 12.57
C GLY A 105 -8.14 -10.35 12.26
N THR A 106 -8.59 -10.22 11.01
CA THR A 106 -9.59 -9.20 10.62
C THR A 106 -10.41 -9.73 9.45
N GLY A 107 -11.69 -9.37 9.40
CA GLY A 107 -12.68 -9.85 8.42
C GLY A 107 -13.65 -8.74 8.01
N ARG A 108 -14.18 -8.85 6.80
CA ARG A 108 -15.18 -7.90 6.28
C ARG A 108 -16.26 -8.64 5.52
N ILE A 109 -17.51 -8.31 5.83
CA ILE A 109 -18.66 -8.73 4.99
C ILE A 109 -18.66 -7.79 3.80
N LEU A 110 -18.52 -8.35 2.60
CA LEU A 110 -18.25 -7.57 1.37
C LEU A 110 -19.48 -7.52 0.45
N TYR A 111 -20.21 -8.62 0.29
CA TYR A 111 -21.36 -8.65 -0.64
C TYR A 111 -22.21 -9.87 -0.34
N GLU A 112 -23.40 -9.88 -0.92
CA GLU A 112 -24.31 -11.05 -0.96
C GLU A 112 -24.16 -11.74 -2.31
N ARG A 113 -23.91 -13.05 -2.32
CA ARG A 113 -23.83 -13.84 -3.58
C ARG A 113 -25.12 -13.67 -4.38
N SER A 114 -25.02 -13.60 -5.72
CA SER A 114 -26.20 -13.45 -6.60
C SER A 114 -27.15 -14.64 -6.42
N SER A 115 -26.62 -15.86 -6.32
CA SER A 115 -27.36 -17.14 -6.45
C SER A 115 -28.30 -17.37 -5.26
N ASP A 116 -27.79 -17.27 -4.03
CA ASP A 116 -28.48 -17.72 -2.79
C ASP A 116 -28.33 -16.67 -1.67
N ALA A 117 -27.89 -15.46 -2.00
CA ALA A 117 -27.75 -14.28 -1.11
C ALA A 117 -26.85 -14.51 0.11
N HIS A 118 -26.08 -15.61 0.21
CA HIS A 118 -25.16 -15.83 1.36
C HIS A 118 -24.17 -14.67 1.46
N LEU A 119 -23.79 -14.32 2.69
CA LEU A 119 -22.89 -13.18 3.02
C LEU A 119 -21.45 -13.62 2.87
N MET A 120 -20.74 -13.05 1.91
CA MET A 120 -19.36 -13.47 1.64
C MET A 120 -18.42 -12.54 2.40
N MET A 121 -17.47 -13.12 3.11
CA MET A 121 -16.53 -12.37 3.98
C MET A 121 -15.11 -12.76 3.59
N TYR A 122 -14.19 -11.80 3.63
CA TYR A 122 -12.74 -12.01 3.44
C TYR A 122 -12.02 -11.74 4.75
N TYR A 123 -11.13 -12.64 5.11
CA TYR A 123 -10.34 -12.59 6.36
C TYR A 123 -8.86 -12.55 6.03
N ARG A 124 -8.09 -12.00 6.96
CA ARG A 124 -6.61 -12.00 6.94
C ARG A 124 -6.17 -12.19 8.39
N GLU A 125 -5.23 -13.09 8.64
CA GLU A 125 -4.77 -13.41 10.00
C GLU A 125 -3.24 -13.47 10.01
N GLN A 126 -2.67 -13.09 11.15
CA GLN A 126 -1.23 -13.17 11.45
C GLN A 126 -1.09 -14.09 12.67
N LEU A 127 -0.31 -15.15 12.52
CA LEU A 127 -0.06 -16.14 13.58
C LEU A 127 1.32 -15.82 14.17
N THR A 128 1.42 -15.78 15.49
CA THR A 128 2.69 -15.61 16.23
C THR A 128 2.89 -16.81 17.14
N PHE A 129 4.02 -17.48 16.98
CA PHE A 129 4.47 -18.58 17.85
C PHE A 129 5.73 -18.06 18.53
N PRO A 130 6.12 -18.63 19.70
CA PRO A 130 7.41 -18.31 20.31
C PRO A 130 8.59 -18.29 19.33
N ASP A 131 8.55 -19.10 18.27
CA ASP A 131 9.72 -19.41 17.38
C ASP A 131 9.44 -19.04 15.92
N GLY A 132 8.46 -18.18 15.63
CA GLY A 132 8.25 -17.65 14.26
C GLY A 132 6.82 -17.23 13.98
N THR A 133 6.53 -16.94 12.70
CA THR A 133 5.25 -16.29 12.31
C THR A 133 4.72 -16.92 11.04
N ALA A 134 3.44 -16.75 10.79
CA ALA A 134 2.78 -17.25 9.57
C ALA A 134 1.54 -16.41 9.35
N GLN A 135 0.95 -16.58 8.18
CA GLN A 135 -0.20 -15.77 7.77
C GLN A 135 -1.18 -16.63 6.98
N THR A 136 -2.42 -16.20 7.00
CA THR A 136 -3.57 -16.81 6.31
C THR A 136 -4.36 -15.67 5.66
N ALA A 137 -5.19 -16.03 4.70
CA ALA A 137 -6.23 -15.18 4.11
C ALA A 137 -7.19 -16.12 3.41
N GLY A 138 -8.43 -15.70 3.22
CA GLY A 138 -9.40 -16.48 2.44
C GLY A 138 -10.81 -16.04 2.68
N TRP A 139 -11.72 -16.61 1.89
CA TRP A 139 -13.16 -16.32 1.90
C TRP A 139 -13.87 -17.20 2.94
N VAL A 140 -14.92 -16.63 3.52
CA VAL A 140 -15.89 -17.32 4.40
C VAL A 140 -17.30 -16.99 3.91
N ASP A 141 -18.10 -18.02 3.75
CA ASP A 141 -19.57 -17.91 3.61
C ASP A 141 -20.14 -17.67 5.01
N GLY A 142 -20.56 -16.45 5.31
CA GLY A 142 -21.15 -16.05 6.60
C GLY A 142 -22.39 -16.87 6.93
N THR A 143 -23.11 -17.33 5.92
CA THR A 143 -24.40 -18.05 6.06
C THR A 143 -24.12 -19.56 6.20
N ALA A 144 -22.85 -19.95 6.32
CA ALA A 144 -22.41 -21.36 6.53
C ALA A 144 -21.61 -21.51 7.84
N ILE A 145 -20.94 -20.45 8.32
CA ILE A 145 -20.29 -20.43 9.68
C ILE A 145 -21.38 -20.60 10.74
N LEU A 146 -22.56 -20.03 10.46
CA LEU A 146 -23.81 -20.12 11.27
C LEU A 146 -24.13 -21.58 11.58
N GLY A 147 -24.07 -22.46 10.57
CA GLY A 147 -24.36 -23.91 10.69
C GLY A 147 -23.27 -24.67 11.45
N GLY A 148 -22.21 -24.01 11.91
CA GLY A 148 -21.11 -24.61 12.71
C GLY A 148 -20.20 -25.48 11.86
N ALA A 149 -20.22 -25.31 10.54
CA ALA A 149 -19.29 -25.96 9.59
C ALA A 149 -17.85 -25.57 9.93
N TRP A 150 -16.91 -26.48 9.66
CA TRP A 150 -15.45 -26.22 9.65
C TRP A 150 -15.13 -25.09 8.68
N GLN A 151 -14.24 -24.18 9.07
CA GLN A 151 -13.66 -23.13 8.21
C GLN A 151 -12.20 -23.49 7.99
N ARG A 152 -11.69 -23.36 6.76
CA ARG A 152 -10.29 -23.72 6.46
C ARG A 152 -9.63 -22.57 5.71
N PHE A 153 -8.43 -22.17 6.16
CA PHE A 153 -7.56 -21.19 5.48
C PHE A 153 -6.21 -21.82 5.22
N PRO A 154 -5.63 -21.62 4.01
CA PRO A 154 -4.24 -21.94 3.77
C PRO A 154 -3.38 -21.05 4.65
N ILE A 155 -2.27 -21.63 5.10
CA ILE A 155 -1.21 -20.91 5.87
C ILE A 155 0.04 -20.80 4.99
N LEU A 156 0.67 -19.64 5.00
CA LEU A 156 2.05 -19.48 4.48
C LEU A 156 2.92 -19.02 5.65
N GLY A 157 3.99 -19.74 5.93
CA GLY A 157 5.02 -19.28 6.89
C GLY A 157 5.58 -17.93 6.47
N SER A 158 5.88 -17.06 7.43
CA SER A 158 6.42 -15.70 7.16
C SER A 158 7.74 -15.42 7.89
N GLY A 159 8.20 -16.26 8.83
CA GLY A 159 9.41 -15.95 9.62
C GLY A 159 9.77 -17.02 10.64
N GLY A 160 11.03 -16.98 11.11
CA GLY A 160 11.59 -17.94 12.08
C GLY A 160 11.47 -19.34 11.56
N ARG A 161 11.05 -20.29 12.41
CA ARG A 161 10.92 -21.74 12.10
C ARG A 161 9.99 -21.97 10.90
N TYR A 162 8.99 -21.10 10.73
CA TYR A 162 7.82 -21.30 9.83
C TYR A 162 8.06 -20.67 8.45
N GLY A 163 9.14 -19.90 8.27
CA GLY A 163 9.41 -19.11 7.04
C GLY A 163 9.38 -19.97 5.77
N SER A 164 9.70 -21.26 5.89
CA SER A 164 9.90 -22.23 4.78
C SER A 164 8.67 -23.11 4.58
N MET A 165 7.60 -22.85 5.33
CA MET A 165 6.46 -23.79 5.46
C MET A 165 5.23 -23.25 4.76
N ILE A 166 4.38 -24.17 4.33
CA ILE A 166 2.96 -23.93 4.01
C ILE A 166 2.10 -24.80 4.94
N GLY A 167 0.80 -24.55 5.01
CA GLY A 167 -0.04 -25.39 5.86
C GLY A 167 -1.50 -25.06 5.77
N LEU A 168 -2.25 -25.51 6.76
CA LEU A 168 -3.72 -25.41 6.79
C LEU A 168 -4.15 -25.13 8.22
N ARG A 169 -5.01 -24.13 8.38
CA ARG A 169 -5.71 -23.77 9.62
C ARG A 169 -7.15 -24.21 9.45
N SER A 170 -7.63 -25.08 10.34
CA SER A 170 -9.04 -25.53 10.33
C SER A 170 -9.64 -25.23 11.72
N PHE A 171 -10.75 -24.50 11.76
CA PHE A 171 -11.43 -24.18 13.03
C PHE A 171 -12.93 -24.39 12.87
N GLN A 172 -13.58 -24.71 13.99
CA GLN A 172 -15.04 -24.89 14.13
C GLN A 172 -15.45 -24.19 15.41
N PRO A 173 -16.35 -23.18 15.39
CA PRO A 173 -16.85 -22.65 16.66
C PRO A 173 -17.40 -23.81 17.50
N THR A 174 -17.15 -23.86 18.82
CA THR A 174 -17.76 -24.87 19.74
C THR A 174 -19.24 -24.54 19.90
N PRO A 175 -20.12 -25.54 20.06
CA PRO A 175 -21.56 -25.30 20.21
C PRO A 175 -21.87 -24.45 21.46
N GLU A 176 -21.28 -24.81 22.61
CA GLU A 176 -21.50 -24.13 23.93
C GLU A 176 -20.99 -22.68 23.89
N ALA A 177 -19.99 -22.34 23.08
CA ALA A 177 -19.40 -20.98 22.97
C ALA A 177 -18.88 -20.70 21.56
N PRO A 178 -19.76 -20.35 20.59
CA PRO A 178 -19.35 -20.13 19.21
C PRO A 178 -18.76 -18.74 18.92
N HIS A 179 -18.75 -17.86 19.92
CA HIS A 179 -18.33 -16.43 19.81
CA HIS A 179 -18.30 -16.45 19.74
C HIS A 179 -16.97 -16.23 20.47
N SER A 180 -16.48 -17.25 21.21
CA SER A 180 -15.34 -17.11 22.15
C SER A 180 -14.43 -18.35 22.20
N LEU A 181 -14.95 -19.57 21.98
CA LEU A 181 -14.11 -20.80 21.95
C LEU A 181 -14.26 -21.50 20.59
N TYR A 182 -13.15 -21.79 19.91
CA TYR A 182 -13.12 -22.64 18.70
C TYR A 182 -12.31 -23.91 19.00
N ARG A 183 -12.66 -25.00 18.34
CA ARG A 183 -11.77 -26.18 18.27
C ARG A 183 -10.96 -25.99 16.99
N THR A 184 -9.63 -26.10 17.07
CA THR A 184 -8.74 -25.57 16.00
C THR A 184 -7.62 -26.57 15.75
N HIS A 185 -7.35 -26.86 14.49
CA HIS A 185 -6.17 -27.63 14.06
C HIS A 185 -5.26 -26.71 13.24
N LEU A 186 -3.95 -26.82 13.43
CA LEU A 186 -2.89 -26.15 12.64
C LEU A 186 -1.89 -27.22 12.20
N VAL A 187 -1.62 -27.28 10.91
CA VAL A 187 -0.55 -28.11 10.28
C VAL A 187 0.34 -27.15 9.49
N LEU A 188 1.64 -27.17 9.74
CA LEU A 188 2.62 -26.45 8.91
C LEU A 188 3.76 -27.42 8.62
N ARG A 189 4.24 -27.41 7.38
CA ARG A 189 5.33 -28.29 6.94
C ARG A 189 6.29 -27.52 6.04
N GLU A 190 7.58 -27.77 6.27
CA GLU A 190 8.71 -27.23 5.49
C GLU A 190 8.60 -27.75 4.06
N ILE A 191 8.82 -26.88 3.08
CA ILE A 191 9.20 -27.21 1.68
C ILE A 191 10.71 -27.03 1.61
N PRO A 192 11.51 -27.92 0.97
CA PRO A 192 12.96 -27.72 0.95
C PRO A 192 13.28 -26.47 0.12
N GLY A 193 14.14 -25.59 0.62
CA GLY A 193 14.42 -24.29 -0.02
C GLY A 193 13.29 -23.30 0.18
N GLY A 194 12.13 -23.75 0.65
CA GLY A 194 11.03 -22.85 1.09
C GLY A 194 10.02 -22.66 -0.01
N HIS A 195 9.13 -21.69 0.14
CA HIS A 195 8.04 -21.42 -0.83
C HIS A 195 8.51 -20.34 -1.80
N GLY A 196 9.51 -19.56 -1.37
CA GLY A 196 10.20 -18.55 -2.19
C GLY A 196 9.28 -17.43 -2.60
N LEU A 197 8.30 -17.11 -1.74
CA LEU A 197 7.42 -15.94 -1.88
C LEU A 197 7.83 -14.92 -0.81
N THR A 198 8.00 -13.66 -1.19
CA THR A 198 8.41 -12.57 -0.29
C THR A 198 7.44 -11.40 -0.44
N ASP A 199 7.02 -11.09 -1.66
CA ASP A 199 6.27 -9.83 -1.97
C ASP A 199 4.78 -10.06 -1.79
N PRO A 200 4.02 -9.07 -1.28
CA PRO A 200 2.58 -9.21 -1.06
C PRO A 200 1.80 -9.78 -2.26
N GLU A 201 2.13 -9.37 -3.49
CA GLU A 201 1.47 -9.83 -4.74
C GLU A 201 1.56 -11.36 -4.84
N GLU A 202 2.76 -11.90 -4.66
CA GLU A 202 2.98 -13.36 -4.79
C GLU A 202 2.32 -14.08 -3.61
N ILE A 203 2.37 -13.48 -2.41
CA ILE A 203 1.84 -14.09 -1.14
C ILE A 203 0.32 -14.23 -1.35
N ASP A 204 -0.33 -13.16 -1.82
CA ASP A 204 -1.80 -13.08 -2.01
C ASP A 204 -2.23 -14.10 -3.06
N ALA A 205 -1.48 -14.19 -4.15
CA ALA A 205 -1.76 -15.15 -5.23
C ALA A 205 -1.62 -16.58 -4.69
N ALA A 206 -0.60 -16.85 -3.88
CA ALA A 206 -0.39 -18.17 -3.27
C ALA A 206 -1.59 -18.52 -2.38
N LEU A 207 -2.03 -17.58 -1.52
CA LEU A 207 -3.16 -17.79 -0.58
C LEU A 207 -4.41 -18.03 -1.42
N SER A 208 -4.54 -17.31 -2.52
CA SER A 208 -5.70 -17.44 -3.42
C SER A 208 -5.66 -18.79 -4.15
N LEU A 209 -4.48 -19.27 -4.57
CA LEU A 209 -4.31 -20.55 -5.30
C LEU A 209 -4.68 -21.70 -4.37
N LEU A 210 -4.10 -21.74 -3.17
CA LEU A 210 -4.39 -22.80 -2.18
C LEU A 210 -5.82 -22.66 -1.68
N GLY A 211 -6.33 -21.44 -1.56
CA GLY A 211 -7.69 -21.16 -1.08
C GLY A 211 -8.75 -21.76 -1.99
N ALA A 212 -8.46 -21.96 -3.29
CA ALA A 212 -9.39 -22.56 -4.26
C ALA A 212 -9.77 -23.97 -3.81
N PHE A 213 -8.88 -24.70 -3.15
CA PHE A 213 -9.17 -26.07 -2.68
C PHE A 213 -10.10 -26.09 -1.46
N VAL A 214 -10.15 -25.03 -0.64
CA VAL A 214 -10.75 -25.12 0.72
C VAL A 214 -11.80 -24.03 0.93
N GLY A 215 -11.84 -22.97 0.13
CA GLY A 215 -12.72 -21.82 0.35
C GLY A 215 -14.05 -21.99 -0.35
N PRO A 216 -15.07 -21.19 0.00
CA PRO A 216 -16.36 -21.28 -0.66
C PRO A 216 -16.35 -20.62 -2.03
N SER A 217 -17.33 -20.94 -2.87
CA SER A 217 -17.54 -20.32 -4.20
C SER A 217 -17.87 -18.85 -4.01
N VAL A 218 -17.15 -17.95 -4.69
CA VAL A 218 -17.31 -16.49 -4.44
C VAL A 218 -18.60 -16.00 -5.11
N ASN A 219 -19.04 -16.63 -6.19
CA ASN A 219 -20.30 -16.22 -6.87
C ASN A 219 -20.74 -17.30 -7.87
N PRO A 220 -21.39 -18.37 -7.39
CA PRO A 220 -21.92 -19.38 -8.30
C PRO A 220 -22.78 -18.81 -9.42
N ALA A 221 -22.69 -19.39 -10.62
CA ALA A 221 -23.58 -19.14 -11.79
C ALA A 221 -25.04 -19.26 -11.32
N THR A 222 -25.85 -18.23 -11.58
CA THR A 222 -27.25 -18.13 -11.08
C THR A 222 -28.19 -18.95 -11.97
N GLY A 223 -27.75 -19.32 -13.19
CA GLY A 223 -28.52 -20.14 -14.15
C GLY A 223 -29.20 -19.30 -15.24
N ASN A 224 -29.73 -18.15 -14.82
CA ASN A 224 -30.45 -17.15 -15.67
C ASN A 224 -29.44 -16.19 -16.26
N GLY A 225 -28.15 -16.48 -16.11
CA GLY A 225 -27.04 -15.71 -16.71
C GLY A 225 -27.05 -14.24 -16.36
N ARG A 226 -27.43 -13.90 -15.14
CA ARG A 226 -27.44 -12.48 -14.68
C ARG A 226 -27.03 -12.44 -13.21
N LEU A 227 -25.79 -12.02 -12.93
CA LEU A 227 -25.23 -11.82 -11.58
C LEU A 227 -25.98 -10.61 -11.04
N GLU A 228 -27.31 -10.66 -11.01
CA GLU A 228 -28.00 -9.49 -10.45
C GLU A 228 -27.83 -9.62 -8.94
N PRO A 229 -27.53 -8.49 -8.07
CA PRO A 229 -27.37 -8.22 -6.42
C PRO A 229 -28.62 -9.04 -6.08
N PRO A 230 -28.58 -9.93 -5.06
CA PRO A 230 -29.69 -10.87 -4.80
C PRO A 230 -30.92 -10.59 -3.90
N MET B 20 -11.43 -37.81 5.72
CA MET B 20 -10.25 -38.49 6.31
C MET B 20 -9.26 -37.42 6.76
N ASN B 21 -8.87 -37.47 8.04
CA ASN B 21 -7.97 -36.52 8.76
C ASN B 21 -8.72 -35.20 8.95
N GLU B 22 -9.27 -34.96 10.13
CA GLU B 22 -9.99 -33.70 10.47
C GLU B 22 -9.00 -32.55 10.31
N ARG B 23 -7.72 -32.86 10.57
CA ARG B 23 -6.53 -31.96 10.62
C ARG B 23 -6.29 -31.31 9.25
N PHE B 24 -6.67 -32.02 8.19
CA PHE B 24 -6.31 -31.70 6.79
C PHE B 24 -7.31 -32.36 5.83
N THR B 25 -8.56 -31.93 5.94
CA THR B 25 -9.68 -32.34 5.06
C THR B 25 -9.67 -31.43 3.83
N LEU B 26 -9.27 -31.98 2.67
CA LEU B 26 -9.42 -31.39 1.30
C LEU B 26 -10.51 -32.17 0.56
N PRO B 27 -11.33 -31.49 -0.28
CA PRO B 27 -12.36 -32.17 -1.05
C PRO B 27 -11.78 -33.23 -1.99
N ALA B 28 -12.63 -34.23 -2.28
CA ALA B 28 -12.36 -35.40 -3.16
C ALA B 28 -11.88 -34.95 -4.55
N HIS B 29 -12.38 -33.83 -5.07
CA HIS B 29 -12.03 -33.31 -6.42
C HIS B 29 -10.62 -32.70 -6.49
N SER B 30 -9.86 -32.66 -5.38
CA SER B 30 -8.58 -31.88 -5.27
C SER B 30 -7.56 -32.37 -6.30
N PRO B 31 -7.37 -33.69 -6.49
CA PRO B 31 -6.42 -34.16 -7.49
C PRO B 31 -6.77 -33.69 -8.93
N ALA B 32 -8.06 -33.65 -9.27
CA ALA B 32 -8.55 -33.18 -10.58
C ALA B 32 -8.22 -31.68 -10.75
N LEU B 33 -8.29 -30.90 -9.66
CA LEU B 33 -7.97 -29.46 -9.76
C LEU B 33 -6.46 -29.32 -9.94
N ALA B 34 -5.69 -30.06 -9.14
CA ALA B 34 -4.22 -29.95 -9.09
C ALA B 34 -3.64 -30.29 -10.47
N ALA B 35 -4.24 -31.28 -11.15
CA ALA B 35 -3.83 -31.74 -12.51
C ALA B 35 -3.90 -30.56 -13.50
N LEU B 36 -4.81 -29.62 -13.28
CA LEU B 36 -5.00 -28.50 -14.24
C LEU B 36 -3.76 -27.58 -14.23
N VAL B 37 -2.99 -27.52 -13.13
CA VAL B 37 -1.98 -26.44 -12.95
C VAL B 37 -0.76 -26.68 -13.85
N PRO B 38 -0.14 -27.86 -13.91
CA PRO B 38 0.93 -28.10 -14.89
C PRO B 38 0.46 -27.93 -16.35
N GLU B 39 -0.79 -28.28 -16.66
CA GLU B 39 -1.34 -28.09 -18.04
C GLU B 39 -1.40 -26.61 -18.36
N PHE B 40 -1.82 -25.80 -17.41
CA PHE B 40 -2.00 -24.35 -17.59
C PHE B 40 -0.64 -23.68 -17.81
N LEU B 41 0.38 -24.04 -17.02
CA LEU B 41 1.75 -23.48 -17.21
C LEU B 41 2.32 -23.99 -18.54
N ASP B 42 2.05 -25.24 -18.90
CA ASP B 42 2.55 -25.80 -20.16
C ASP B 42 1.91 -25.09 -21.37
N LEU B 43 0.65 -24.62 -21.20
CA LEU B 43 -0.08 -23.89 -22.27
C LEU B 43 0.61 -22.55 -22.52
N ALA B 44 1.07 -21.86 -21.48
CA ALA B 44 1.85 -20.60 -21.61
C ALA B 44 3.10 -20.86 -22.46
N ARG B 45 3.75 -22.00 -22.29
CA ARG B 45 4.94 -22.22 -23.13
C ARG B 45 4.57 -22.77 -24.50
N ALA B 46 3.53 -23.59 -24.60
CA ALA B 46 3.12 -24.13 -25.91
C ALA B 46 2.36 -23.07 -26.70
N ALA B 47 1.74 -22.11 -26.03
CA ALA B 47 1.03 -21.01 -26.73
C ALA B 47 2.07 -19.97 -27.12
N SER B 48 2.81 -20.26 -28.17
CA SER B 48 3.86 -19.45 -28.84
C SER B 48 3.85 -19.97 -30.29
N GLY B 49 3.69 -21.29 -30.39
CA GLY B 49 3.49 -22.12 -31.57
C GLY B 49 2.39 -23.10 -31.20
N GLU B 55 -1.15 -33.58 -32.37
CA GLU B 55 -0.88 -34.13 -31.02
C GLU B 55 -2.13 -33.90 -30.14
N ARG B 56 -2.24 -32.72 -29.52
CA ARG B 56 -3.47 -32.25 -28.82
C ARG B 56 -4.24 -31.31 -29.74
N ASP B 57 -5.55 -31.22 -29.54
CA ASP B 57 -6.38 -30.21 -30.22
C ASP B 57 -6.09 -28.87 -29.54
N LEU B 58 -5.61 -27.90 -30.32
CA LEU B 58 -5.21 -26.58 -29.81
C LEU B 58 -5.98 -25.54 -30.61
N ALA B 59 -6.89 -24.80 -29.97
CA ALA B 59 -7.69 -23.69 -30.55
C ALA B 59 -7.09 -22.35 -30.16
N VAL B 60 -6.49 -21.67 -31.12
CA VAL B 60 -5.89 -20.31 -30.88
C VAL B 60 -6.64 -19.32 -31.74
N TRP B 61 -7.22 -18.31 -31.12
CA TRP B 61 -7.85 -17.20 -31.86
C TRP B 61 -7.16 -15.91 -31.42
N GLU B 62 -6.13 -15.53 -32.14
CA GLU B 62 -5.30 -14.35 -31.81
C GLU B 62 -5.84 -13.11 -32.51
N ASN B 63 -5.53 -11.95 -31.95
CA ASN B 63 -5.79 -10.63 -32.57
C ASN B 63 -7.25 -10.44 -32.99
N LEU B 64 -8.19 -10.89 -32.19
CA LEU B 64 -9.63 -10.76 -32.44
C LEU B 64 -10.04 -9.32 -32.15
N THR B 65 -11.05 -8.84 -32.85
CA THR B 65 -11.77 -7.60 -32.48
C THR B 65 -13.07 -8.01 -31.80
N GLU B 66 -13.27 -7.60 -30.54
CA GLU B 66 -14.43 -8.07 -29.78
C GLU B 66 -15.40 -6.91 -29.75
N HIS B 67 -16.54 -7.08 -30.42
CA HIS B 67 -17.59 -6.05 -30.47
C HIS B 67 -18.51 -6.28 -29.28
N VAL B 68 -18.55 -5.33 -28.38
CA VAL B 68 -19.31 -5.47 -27.12
C VAL B 68 -20.51 -4.53 -27.17
N SER B 69 -21.66 -5.06 -26.76
CA SER B 69 -22.91 -4.33 -26.50
C SER B 69 -23.22 -4.44 -25.01
N LEU B 70 -23.00 -3.35 -24.26
CA LEU B 70 -22.99 -3.37 -22.77
C LEU B 70 -24.26 -2.68 -22.26
N ASP B 71 -24.90 -3.30 -21.28
CA ASP B 71 -26.11 -2.81 -20.59
C ASP B 71 -25.76 -2.70 -19.10
N TYR B 72 -25.32 -1.51 -18.67
CA TYR B 72 -24.86 -1.21 -17.30
C TYR B 72 -26.04 -0.68 -16.48
N ARG B 73 -26.20 -1.21 -15.27
CA ARG B 73 -27.18 -0.75 -14.26
C ARG B 73 -26.39 -0.09 -13.12
N PHE B 74 -26.82 1.09 -12.68
CA PHE B 74 -26.28 1.82 -11.51
C PHE B 74 -27.15 1.55 -10.29
N ALA B 75 -26.53 1.28 -9.13
CA ALA B 75 -27.21 1.12 -7.82
C ALA B 75 -27.63 2.48 -7.27
N ASN B 76 -26.78 3.49 -7.46
CA ASN B 76 -26.78 4.80 -6.76
C ASN B 76 -26.09 5.81 -7.66
N PRO B 77 -26.67 6.10 -8.85
CA PRO B 77 -26.01 6.95 -9.85
C PRO B 77 -26.05 8.43 -9.48
N PRO B 78 -25.28 9.33 -10.12
CA PRO B 78 -24.36 8.96 -11.22
C PRO B 78 -23.00 8.32 -10.89
N VAL B 79 -22.79 7.83 -9.66
CA VAL B 79 -21.46 7.27 -9.23
C VAL B 79 -21.41 5.75 -9.48
N HIS B 80 -20.37 5.29 -10.17
CA HIS B 80 -19.93 3.87 -10.20
C HIS B 80 -19.63 3.46 -8.75
N GLY B 81 -20.22 2.38 -8.25
CA GLY B 81 -19.82 1.86 -6.93
C GLY B 81 -20.46 0.51 -6.63
N PRO B 82 -20.22 -0.04 -5.43
CA PRO B 82 -20.85 -1.30 -5.02
C PRO B 82 -22.35 -1.32 -5.36
N GLY B 83 -22.82 -2.45 -5.88
CA GLY B 83 -24.23 -2.67 -6.27
C GLY B 83 -24.47 -2.48 -7.76
N ASP B 84 -23.55 -1.85 -8.49
CA ASP B 84 -23.63 -1.73 -9.96
C ASP B 84 -23.46 -3.12 -10.57
N TRP B 85 -24.08 -3.37 -11.71
CA TRP B 85 -23.96 -4.65 -12.44
C TRP B 85 -24.23 -4.41 -13.91
N ASP B 86 -23.82 -5.36 -14.74
CA ASP B 86 -23.98 -5.23 -16.20
C ASP B 86 -24.19 -6.60 -16.82
N THR B 87 -24.71 -6.58 -18.04
CA THR B 87 -24.77 -7.73 -18.96
C THR B 87 -24.16 -7.25 -20.26
N TYR B 88 -23.58 -8.17 -21.01
CA TYR B 88 -23.04 -7.83 -22.35
C TYR B 88 -23.10 -9.06 -23.24
N ASP B 89 -23.22 -8.75 -24.53
CA ASP B 89 -23.07 -9.65 -25.69
C ASP B 89 -21.85 -9.16 -26.45
N SER B 90 -20.99 -10.10 -26.81
CA SER B 90 -19.76 -9.89 -27.60
C SER B 90 -19.86 -10.72 -28.86
N ARG B 91 -19.42 -10.15 -29.97
CA ARG B 91 -19.08 -10.93 -31.16
C ARG B 91 -17.55 -10.85 -31.32
N PHE B 92 -16.92 -12.00 -31.54
CA PHE B 92 -15.48 -12.15 -31.82
C PHE B 92 -15.28 -12.22 -33.33
N VAL B 93 -14.56 -11.25 -33.90
CA VAL B 93 -14.29 -11.11 -35.35
C VAL B 93 -12.77 -11.16 -35.57
N ASP B 94 -12.31 -12.14 -36.34
CA ASP B 94 -10.87 -12.36 -36.66
C ASP B 94 -10.47 -11.26 -37.64
N PRO B 95 -9.15 -11.03 -37.89
CA PRO B 95 -8.71 -9.95 -38.78
C PRO B 95 -9.28 -10.03 -40.21
N ALA B 96 -9.52 -11.23 -40.73
CA ALA B 96 -10.16 -11.49 -42.04
C ALA B 96 -11.65 -11.07 -42.04
N GLY B 97 -12.20 -10.65 -40.90
CA GLY B 97 -13.57 -10.10 -40.79
C GLY B 97 -14.64 -11.14 -40.48
N VAL B 98 -14.24 -12.37 -40.19
CA VAL B 98 -15.12 -13.58 -39.97
C VAL B 98 -15.50 -13.65 -38.47
N GLU B 99 -16.80 -13.83 -38.17
CA GLU B 99 -17.28 -14.08 -36.79
C GLU B 99 -16.89 -15.52 -36.41
N ILE B 100 -15.99 -15.69 -35.46
CA ILE B 100 -15.54 -17.05 -35.03
C ILE B 100 -16.36 -17.48 -33.82
N GLY B 101 -17.02 -16.56 -33.14
CA GLY B 101 -17.80 -16.94 -31.94
C GLY B 101 -18.43 -15.77 -31.24
N THR B 102 -19.26 -16.08 -30.24
CA THR B 102 -19.98 -15.08 -29.43
C THR B 102 -19.77 -15.39 -27.94
N LEU B 103 -20.11 -14.43 -27.12
CA LEU B 103 -20.00 -14.48 -25.65
C LEU B 103 -21.16 -13.69 -25.05
N GLN B 104 -21.67 -14.18 -23.94
CA GLN B 104 -22.67 -13.48 -23.12
C GLN B 104 -22.00 -13.37 -21.77
N GLY B 105 -21.98 -12.18 -21.20
CA GLY B 105 -21.32 -12.00 -19.89
C GLY B 105 -22.14 -11.17 -18.92
N THR B 106 -21.81 -11.29 -17.64
CA THR B 106 -22.46 -10.50 -16.58
C THR B 106 -21.40 -10.18 -15.53
N GLY B 107 -21.41 -8.95 -15.02
CA GLY B 107 -20.47 -8.50 -14.00
C GLY B 107 -21.17 -7.72 -12.91
N ARG B 108 -20.67 -7.81 -11.68
CA ARG B 108 -21.19 -7.07 -10.53
C ARG B 108 -20.03 -6.34 -9.86
N ILE B 109 -20.19 -5.06 -9.59
CA ILE B 109 -19.27 -4.29 -8.71
C ILE B 109 -19.65 -4.62 -7.27
N LEU B 110 -18.70 -5.20 -6.55
CA LEU B 110 -18.99 -5.92 -5.30
C LEU B 110 -18.54 -5.10 -4.09
N TYR B 111 -17.36 -4.48 -4.12
CA TYR B 111 -16.80 -3.77 -2.93
C TYR B 111 -15.57 -2.96 -3.36
N GLU B 112 -15.11 -2.11 -2.45
CA GLU B 112 -13.82 -1.37 -2.54
C GLU B 112 -12.82 -2.11 -1.64
N ARG B 113 -11.60 -2.31 -2.14
CA ARG B 113 -10.49 -2.91 -1.36
C ARG B 113 -10.16 -2.01 -0.16
N SER B 114 -9.96 -2.63 0.99
CA SER B 114 -9.54 -1.96 2.25
C SER B 114 -8.24 -1.17 2.03
N SER B 115 -7.34 -1.70 1.23
CA SER B 115 -5.98 -1.14 1.08
C SER B 115 -5.90 0.15 0.26
N ASP B 116 -6.71 0.28 -0.79
CA ASP B 116 -6.56 1.42 -1.72
C ASP B 116 -7.89 1.80 -2.36
N ALA B 117 -8.99 1.28 -1.84
CA ALA B 117 -10.35 1.58 -2.31
C ALA B 117 -10.63 1.25 -3.78
N HIS B 118 -9.78 0.47 -4.48
CA HIS B 118 -10.08 0.03 -5.88
C HIS B 118 -11.41 -0.72 -5.93
N LEU B 119 -12.21 -0.49 -6.99
CA LEU B 119 -13.53 -1.14 -7.16
C LEU B 119 -13.27 -2.57 -7.65
N MET B 120 -13.70 -3.59 -6.89
CA MET B 120 -13.49 -4.99 -7.28
C MET B 120 -14.78 -5.53 -7.90
N MET B 121 -14.68 -6.06 -9.10
CA MET B 121 -15.80 -6.58 -9.89
C MET B 121 -15.57 -8.07 -10.17
N TYR B 122 -16.64 -8.85 -10.20
CA TYR B 122 -16.59 -10.26 -10.59
C TYR B 122 -17.42 -10.49 -11.84
N TYR B 123 -16.89 -11.29 -12.76
CA TYR B 123 -17.52 -11.59 -14.06
C TYR B 123 -17.66 -13.10 -14.23
N ARG B 124 -18.64 -13.49 -15.02
CA ARG B 124 -18.94 -14.86 -15.46
C ARG B 124 -19.36 -14.74 -16.92
N GLU B 125 -18.77 -15.54 -17.82
CA GLU B 125 -19.06 -15.46 -19.26
C GLU B 125 -19.28 -16.86 -19.82
N GLN B 126 -20.15 -16.93 -20.82
CA GLN B 126 -20.49 -18.14 -21.59
C GLN B 126 -20.13 -17.85 -23.04
N LEU B 127 -19.20 -18.65 -23.57
CA LEU B 127 -18.69 -18.52 -24.95
C LEU B 127 -19.38 -19.56 -25.81
N THR B 128 -19.77 -19.15 -27.00
CA THR B 128 -20.39 -20.05 -28.01
C THR B 128 -19.60 -19.97 -29.31
N PHE B 129 -19.12 -21.13 -29.75
CA PHE B 129 -18.45 -21.32 -31.04
C PHE B 129 -19.40 -22.10 -31.95
N PRO B 130 -19.17 -22.18 -33.27
CA PRO B 130 -20.00 -23.00 -34.16
C PRO B 130 -20.12 -24.46 -33.73
N ASP B 131 -19.06 -24.96 -33.10
CA ASP B 131 -18.92 -26.39 -32.79
C ASP B 131 -18.72 -26.59 -31.28
N GLY B 132 -19.06 -25.62 -30.44
CA GLY B 132 -19.10 -25.93 -28.99
C GLY B 132 -19.08 -24.72 -28.09
N THR B 133 -18.82 -24.97 -26.79
CA THR B 133 -18.98 -23.96 -25.72
C THR B 133 -17.81 -24.00 -24.73
N ALA B 134 -17.68 -22.93 -23.98
CA ALA B 134 -16.67 -22.77 -22.92
C ALA B 134 -17.16 -21.68 -22.00
N GLN B 135 -16.53 -21.53 -20.84
CA GLN B 135 -16.97 -20.53 -19.84
C GLN B 135 -15.74 -20.00 -19.12
N THR B 136 -15.90 -18.81 -18.56
CA THR B 136 -14.89 -18.08 -17.77
C THR B 136 -15.56 -17.52 -16.51
N ALA B 137 -14.71 -17.15 -15.59
CA ALA B 137 -15.08 -16.27 -14.47
C ALA B 137 -13.80 -15.65 -13.94
N GLY B 138 -13.93 -14.53 -13.23
CA GLY B 138 -12.78 -13.89 -12.58
C GLY B 138 -13.08 -12.49 -12.14
N TRP B 139 -12.14 -11.99 -11.36
CA TRP B 139 -12.11 -10.67 -10.72
C TRP B 139 -11.48 -9.70 -11.71
N VAL B 140 -11.98 -8.46 -11.70
CA VAL B 140 -11.41 -7.27 -12.41
C VAL B 140 -11.29 -6.14 -11.37
N ASP B 141 -10.12 -5.49 -11.33
CA ASP B 141 -9.87 -4.23 -10.59
C ASP B 141 -10.36 -3.06 -11.47
N GLY B 142 -11.42 -2.37 -11.03
CA GLY B 142 -12.03 -1.19 -11.71
C GLY B 142 -11.00 -0.14 -12.14
N THR B 143 -10.14 0.31 -11.21
CA THR B 143 -9.02 1.26 -11.48
C THR B 143 -8.10 0.77 -12.61
N ALA B 144 -7.63 -0.48 -12.55
CA ALA B 144 -6.67 -1.07 -13.51
C ALA B 144 -7.21 -0.96 -14.95
N ILE B 145 -8.45 -1.41 -15.20
CA ILE B 145 -9.03 -1.55 -16.58
C ILE B 145 -9.29 -0.15 -17.19
N LEU B 146 -9.70 0.85 -16.39
CA LEU B 146 -9.85 2.27 -16.85
C LEU B 146 -8.50 2.79 -17.37
N GLY B 147 -7.38 2.27 -16.86
CA GLY B 147 -6.00 2.64 -17.28
C GLY B 147 -5.48 1.89 -18.51
N GLY B 148 -6.24 0.94 -19.07
CA GLY B 148 -5.89 0.23 -20.33
C GLY B 148 -5.07 -1.04 -20.13
N ALA B 149 -5.10 -1.61 -18.93
CA ALA B 149 -4.48 -2.91 -18.62
C ALA B 149 -5.23 -4.03 -19.37
N TRP B 150 -4.50 -5.09 -19.71
CA TRP B 150 -5.07 -6.40 -20.10
C TRP B 150 -5.85 -6.99 -18.94
N GLN B 151 -7.06 -7.49 -19.20
CA GLN B 151 -7.84 -8.37 -18.29
C GLN B 151 -7.74 -9.81 -18.80
N ARG B 152 -7.58 -10.78 -17.90
CA ARG B 152 -7.40 -12.20 -18.29
C ARG B 152 -8.29 -13.06 -17.39
N PHE B 153 -9.09 -13.94 -18.00
CA PHE B 153 -9.93 -14.92 -17.31
C PHE B 153 -9.51 -16.30 -17.79
N PRO B 154 -9.41 -17.25 -16.85
CA PRO B 154 -9.24 -18.65 -17.20
C PRO B 154 -10.50 -19.16 -17.91
N ILE B 155 -10.30 -20.08 -18.85
CA ILE B 155 -11.40 -20.75 -19.60
C ILE B 155 -11.39 -22.23 -19.26
N LEU B 156 -12.58 -22.76 -18.93
CA LEU B 156 -12.89 -24.22 -18.96
C LEU B 156 -13.87 -24.47 -20.11
N GLY B 157 -13.54 -25.43 -20.98
CA GLY B 157 -14.46 -25.86 -22.05
C GLY B 157 -15.65 -26.52 -21.45
N SER B 158 -16.82 -26.41 -22.07
CA SER B 158 -18.07 -26.99 -21.52
C SER B 158 -18.81 -27.84 -22.55
N GLY B 159 -18.39 -27.88 -23.81
CA GLY B 159 -19.01 -28.75 -24.81
C GLY B 159 -18.34 -28.75 -26.16
N GLY B 160 -18.62 -29.77 -26.96
CA GLY B 160 -18.11 -29.90 -28.33
C GLY B 160 -16.62 -30.17 -28.27
N ARG B 161 -15.84 -29.76 -29.26
CA ARG B 161 -14.39 -30.07 -29.20
C ARG B 161 -13.71 -29.34 -28.03
N TYR B 162 -14.36 -28.34 -27.42
CA TYR B 162 -13.77 -27.50 -26.34
C TYR B 162 -13.92 -28.20 -24.98
N GLY B 163 -14.79 -29.19 -24.88
CA GLY B 163 -15.18 -29.79 -23.59
C GLY B 163 -13.99 -30.34 -22.81
N SER B 164 -12.94 -30.83 -23.49
CA SER B 164 -11.75 -31.42 -22.83
C SER B 164 -10.67 -30.34 -22.63
N MET B 165 -10.99 -29.06 -22.86
CA MET B 165 -9.97 -27.98 -22.94
C MET B 165 -9.98 -27.04 -21.72
N ILE B 166 -8.81 -26.49 -21.44
CA ILE B 166 -8.65 -25.31 -20.54
C ILE B 166 -7.93 -24.23 -21.33
N GLY B 167 -7.96 -23.00 -20.85
CA GLY B 167 -7.29 -21.92 -21.58
C GLY B 167 -7.44 -20.58 -20.91
N LEU B 168 -7.27 -19.53 -21.69
CA LEU B 168 -7.17 -18.14 -21.21
C LEU B 168 -7.85 -17.23 -22.22
N ARG B 169 -8.71 -16.38 -21.71
CA ARG B 169 -9.32 -15.26 -22.43
C ARG B 169 -8.60 -13.99 -21.98
N SER B 170 -7.98 -13.27 -22.91
CA SER B 170 -7.26 -12.01 -22.64
C SER B 170 -7.91 -10.90 -23.46
N PHE B 171 -8.32 -9.81 -22.83
CA PHE B 171 -8.90 -8.65 -23.54
C PHE B 171 -8.32 -7.37 -22.99
N GLN B 172 -8.17 -6.39 -23.89
CA GLN B 172 -7.79 -4.98 -23.62
C GLN B 172 -8.82 -4.08 -24.29
N PRO B 173 -9.60 -3.28 -23.55
CA PRO B 173 -10.47 -2.27 -24.16
C PRO B 173 -9.67 -1.29 -25.04
N THR B 174 -10.05 -1.14 -26.31
CA THR B 174 -9.44 -0.16 -27.24
C THR B 174 -9.56 1.23 -26.64
N PRO B 175 -8.51 2.06 -26.79
CA PRO B 175 -8.51 3.40 -26.20
C PRO B 175 -9.55 4.29 -26.91
N GLU B 176 -9.77 4.11 -28.22
CA GLU B 176 -10.88 4.78 -28.97
C GLU B 176 -12.22 4.54 -28.25
N ALA B 177 -12.61 3.27 -28.04
CA ALA B 177 -13.96 2.85 -27.58
C ALA B 177 -13.86 1.79 -26.49
N PRO B 178 -13.62 2.18 -25.22
CA PRO B 178 -13.26 1.21 -24.17
C PRO B 178 -14.43 0.38 -23.63
N HIS B 179 -15.64 0.59 -24.15
CA HIS B 179 -16.86 -0.12 -23.71
C HIS B 179 -17.61 -0.71 -24.91
N SER B 180 -17.01 -0.75 -26.10
CA SER B 180 -17.68 -1.29 -27.31
C SER B 180 -16.75 -2.11 -28.21
N LEU B 181 -15.44 -1.81 -28.26
CA LEU B 181 -14.44 -2.57 -29.05
C LEU B 181 -13.30 -2.99 -28.15
N TYR B 182 -12.97 -4.28 -28.11
CA TYR B 182 -11.78 -4.79 -27.36
C TYR B 182 -10.88 -5.52 -28.34
N ARG B 183 -9.59 -5.50 -28.05
CA ARG B 183 -8.62 -6.44 -28.66
C ARG B 183 -8.55 -7.67 -27.75
N THR B 184 -8.75 -8.86 -28.29
CA THR B 184 -9.00 -10.10 -27.50
C THR B 184 -8.22 -11.27 -28.10
N HIS B 185 -7.68 -12.12 -27.24
CA HIS B 185 -7.17 -13.46 -27.62
C HIS B 185 -7.95 -14.52 -26.86
N LEU B 186 -8.16 -15.66 -27.49
CA LEU B 186 -8.75 -16.88 -26.89
C LEU B 186 -7.80 -18.01 -27.21
N VAL B 187 -7.31 -18.70 -26.19
CA VAL B 187 -6.38 -19.85 -26.30
C VAL B 187 -6.98 -20.97 -25.47
N LEU B 188 -7.23 -22.09 -26.09
CA LEU B 188 -7.79 -23.30 -25.43
C LEU B 188 -6.97 -24.49 -25.93
N ARG B 189 -6.70 -25.46 -25.07
CA ARG B 189 -6.06 -26.70 -25.52
C ARG B 189 -6.56 -27.88 -24.71
N GLU B 190 -6.73 -28.98 -25.41
CA GLU B 190 -7.13 -30.28 -24.87
C GLU B 190 -6.12 -30.72 -23.81
N ILE B 191 -6.60 -31.22 -22.68
CA ILE B 191 -5.74 -31.99 -21.75
C ILE B 191 -6.19 -33.44 -21.79
N PRO B 192 -5.24 -34.40 -21.63
CA PRO B 192 -5.54 -35.82 -21.78
C PRO B 192 -6.73 -36.23 -20.91
N GLY B 193 -7.73 -36.87 -21.52
CA GLY B 193 -8.95 -37.33 -20.77
C GLY B 193 -9.85 -36.20 -20.30
N GLY B 194 -9.45 -34.98 -20.61
CA GLY B 194 -10.25 -33.80 -20.24
C GLY B 194 -10.12 -33.38 -18.78
N HIS B 195 -10.60 -32.17 -18.48
CA HIS B 195 -10.52 -31.67 -17.09
C HIS B 195 -11.44 -32.51 -16.21
N GLY B 196 -12.47 -33.10 -16.80
CA GLY B 196 -13.41 -33.98 -16.11
C GLY B 196 -14.35 -33.31 -15.12
N LEU B 197 -14.46 -31.98 -15.14
CA LEU B 197 -15.31 -31.25 -14.17
C LEU B 197 -16.66 -30.95 -14.80
N THR B 198 -17.74 -31.26 -14.08
CA THR B 198 -19.15 -31.08 -14.52
C THR B 198 -19.97 -30.42 -13.42
N ASP B 199 -19.68 -30.74 -12.16
CA ASP B 199 -20.32 -30.14 -10.96
C ASP B 199 -19.96 -28.64 -10.89
N PRO B 200 -20.96 -27.72 -10.77
CA PRO B 200 -20.68 -26.30 -10.86
C PRO B 200 -19.73 -25.81 -9.75
N GLU B 201 -19.70 -26.50 -8.62
CA GLU B 201 -18.83 -26.14 -7.46
C GLU B 201 -17.35 -26.47 -7.77
N GLU B 202 -17.10 -27.58 -8.46
CA GLU B 202 -15.75 -28.01 -8.89
C GLU B 202 -15.27 -27.06 -9.99
N ILE B 203 -16.18 -26.70 -10.92
CA ILE B 203 -15.88 -25.82 -12.08
C ILE B 203 -15.46 -24.46 -11.52
N ASP B 204 -16.25 -23.92 -10.60
CA ASP B 204 -15.97 -22.64 -9.89
C ASP B 204 -14.63 -22.76 -9.15
N ALA B 205 -14.39 -23.86 -8.44
CA ALA B 205 -13.10 -24.06 -7.75
C ALA B 205 -11.95 -24.02 -8.78
N ALA B 206 -12.09 -24.72 -9.92
CA ALA B 206 -11.09 -24.76 -11.03
C ALA B 206 -10.84 -23.33 -11.55
N LEU B 207 -11.91 -22.58 -11.82
CA LEU B 207 -11.79 -21.18 -12.29
C LEU B 207 -11.08 -20.29 -11.25
N SER B 208 -11.32 -20.50 -9.94
CA SER B 208 -10.59 -19.73 -8.88
C SER B 208 -9.12 -20.16 -8.85
N LEU B 209 -8.83 -21.45 -8.97
CA LEU B 209 -7.45 -21.99 -8.90
C LEU B 209 -6.63 -21.35 -10.02
N LEU B 210 -7.16 -21.39 -11.25
CA LEU B 210 -6.45 -20.84 -12.44
C LEU B 210 -6.44 -19.30 -12.35
N GLY B 211 -7.50 -18.71 -11.87
CA GLY B 211 -7.60 -17.25 -11.71
C GLY B 211 -6.53 -16.70 -10.77
N ALA B 212 -6.05 -17.50 -9.82
CA ALA B 212 -4.96 -17.08 -8.90
C ALA B 212 -3.75 -16.61 -9.70
N PHE B 213 -3.44 -17.25 -10.84
CA PHE B 213 -2.27 -16.91 -11.68
C PHE B 213 -2.48 -15.58 -12.43
N VAL B 214 -3.72 -15.20 -12.75
CA VAL B 214 -3.93 -14.11 -13.74
C VAL B 214 -4.74 -12.95 -13.16
N GLY B 215 -5.31 -13.09 -11.97
CA GLY B 215 -6.32 -12.16 -11.47
C GLY B 215 -5.76 -11.13 -10.50
N PRO B 216 -6.48 -10.03 -10.25
CA PRO B 216 -6.04 -9.06 -9.24
C PRO B 216 -6.10 -9.61 -7.82
N SER B 217 -5.39 -8.99 -6.89
CA SER B 217 -5.45 -9.30 -5.45
C SER B 217 -6.82 -8.87 -4.91
N VAL B 218 -7.51 -9.71 -4.15
CA VAL B 218 -8.93 -9.39 -3.80
C VAL B 218 -8.96 -8.37 -2.65
N ASN B 219 -8.01 -8.42 -1.72
CA ASN B 219 -7.95 -7.53 -0.53
C ASN B 219 -6.58 -7.60 0.10
N PRO B 220 -5.54 -6.95 -0.47
CA PRO B 220 -4.22 -6.94 0.17
C PRO B 220 -4.25 -6.49 1.64
N ALA B 221 -3.35 -7.04 2.46
CA ALA B 221 -3.03 -6.54 3.82
C ALA B 221 -2.88 -5.01 3.73
N THR B 222 -3.46 -4.28 4.68
CA THR B 222 -3.47 -2.79 4.75
C THR B 222 -2.24 -2.29 5.53
N GLY B 223 -1.71 -3.07 6.47
CA GLY B 223 -0.52 -2.70 7.27
C GLY B 223 -0.88 -2.46 8.73
N ASN B 224 -2.08 -1.92 9.00
CA ASN B 224 -2.60 -1.66 10.36
C ASN B 224 -3.38 -2.88 10.86
N GLY B 225 -3.25 -4.03 10.19
CA GLY B 225 -3.88 -5.32 10.57
C GLY B 225 -5.39 -5.22 10.69
N ARG B 226 -6.02 -4.29 9.95
CA ARG B 226 -7.49 -4.07 9.95
C ARG B 226 -7.98 -3.94 8.50
N LEU B 227 -9.02 -4.71 8.14
CA LEU B 227 -9.77 -4.62 6.85
C LEU B 227 -10.99 -3.73 7.07
N GLU B 228 -10.78 -2.42 7.07
CA GLU B 228 -11.85 -1.42 7.29
C GLU B 228 -12.49 -1.07 5.96
N PRO B 229 -13.84 -0.96 5.86
CA PRO B 229 -14.46 -0.33 4.69
C PRO B 229 -13.85 1.05 4.51
N PRO B 230 -13.34 1.43 3.31
CA PRO B 230 -12.56 2.65 3.17
C PRO B 230 -13.39 3.95 3.17
N GLU C 22 20.04 16.21 -14.20
CA GLU C 22 20.72 17.53 -14.04
C GLU C 22 20.00 18.32 -12.95
N ARG C 23 18.85 18.90 -13.29
CA ARG C 23 17.88 19.39 -12.28
C ARG C 23 17.12 18.19 -11.70
N PHE C 24 17.32 16.98 -12.26
CA PHE C 24 16.79 15.69 -11.74
C PHE C 24 17.77 14.94 -10.85
N THR C 25 19.05 15.36 -10.87
CA THR C 25 20.16 14.80 -10.06
C THR C 25 20.07 15.41 -8.65
N LEU C 26 20.17 14.54 -7.63
CA LEU C 26 19.99 14.90 -6.21
C LEU C 26 21.34 15.32 -5.65
N PRO C 27 21.37 15.99 -4.49
CA PRO C 27 22.62 16.34 -3.84
C PRO C 27 23.50 15.09 -3.62
N ALA C 28 24.79 15.31 -3.36
CA ALA C 28 25.85 14.28 -3.33
C ALA C 28 25.74 13.41 -2.06
N HIS C 29 25.10 13.92 -1.01
CA HIS C 29 24.92 13.21 0.27
C HIS C 29 23.67 12.31 0.24
N SER C 30 22.96 12.21 -0.89
CA SER C 30 21.67 11.47 -0.99
C SER C 30 21.91 9.98 -0.72
N PRO C 31 22.97 9.34 -1.27
CA PRO C 31 23.20 7.92 -0.98
C PRO C 31 23.31 7.68 0.53
N ALA C 32 24.03 8.56 1.22
CA ALA C 32 24.27 8.53 2.68
C ALA C 32 22.93 8.70 3.43
N LEU C 33 22.10 9.66 3.03
CA LEU C 33 20.73 9.78 3.63
C LEU C 33 19.96 8.48 3.37
N ALA C 34 20.02 7.96 2.14
CA ALA C 34 19.20 6.81 1.70
C ALA C 34 19.55 5.56 2.55
N ALA C 35 20.84 5.38 2.87
CA ALA C 35 21.37 4.25 3.68
C ALA C 35 20.75 4.25 5.08
N LEU C 36 20.35 5.42 5.61
CA LEU C 36 19.80 5.53 6.99
C LEU C 36 18.43 4.86 7.05
N VAL C 37 17.65 4.90 5.96
CA VAL C 37 16.19 4.55 5.99
C VAL C 37 16.00 3.09 6.45
N PRO C 38 16.61 2.06 5.82
CA PRO C 38 16.45 0.70 6.33
C PRO C 38 16.94 0.52 7.79
N GLU C 39 18.03 1.18 8.18
CA GLU C 39 18.52 1.08 9.56
C GLU C 39 17.45 1.63 10.50
N PHE C 40 16.93 2.84 10.23
CA PHE C 40 15.87 3.48 11.03
C PHE C 40 14.67 2.52 11.20
N LEU C 41 14.22 1.87 10.13
CA LEU C 41 13.02 0.96 10.19
C LEU C 41 13.35 -0.30 10.99
N ASP C 42 14.63 -0.68 11.10
CA ASP C 42 15.09 -1.91 11.80
C ASP C 42 15.30 -1.69 13.32
N LEU C 43 15.20 -0.46 13.82
CA LEU C 43 15.48 -0.10 15.24
C LEU C 43 14.52 -0.85 16.18
N ALA C 44 13.24 -0.91 15.84
CA ALA C 44 12.20 -1.47 16.75
C ALA C 44 12.57 -2.93 17.06
N ARG C 45 12.73 -3.73 16.00
CA ARG C 45 13.19 -5.13 16.02
C ARG C 45 14.50 -5.21 16.82
N ALA C 46 15.56 -4.53 16.39
CA ALA C 46 16.87 -4.52 17.07
C ALA C 46 16.69 -4.30 18.57
N ALA C 47 15.85 -3.34 18.98
CA ALA C 47 15.62 -2.95 20.39
C ALA C 47 14.88 -4.05 21.16
N SER C 48 14.17 -4.95 20.47
CA SER C 48 13.37 -6.05 21.06
C SER C 48 14.27 -7.14 21.66
N GLY C 49 15.59 -7.10 21.43
CA GLY C 49 16.57 -8.00 22.05
C GLY C 49 17.91 -7.32 22.29
N GLU C 55 27.82 -8.19 15.70
CA GLU C 55 26.59 -7.51 16.20
C GLU C 55 26.95 -6.09 16.63
N ARG C 56 26.12 -5.11 16.31
CA ARG C 56 26.45 -3.67 16.44
C ARG C 56 26.16 -3.19 17.87
N ASP C 57 26.84 -2.11 18.28
CA ASP C 57 26.61 -1.43 19.57
C ASP C 57 25.19 -0.85 19.59
N LEU C 58 24.41 -1.25 20.60
CA LEU C 58 22.99 -0.92 20.79
C LEU C 58 22.81 -0.32 22.20
N ALA C 59 22.24 0.88 22.30
CA ALA C 59 21.85 1.51 23.57
C ALA C 59 20.33 1.64 23.62
N VAL C 60 19.69 0.90 24.52
CA VAL C 60 18.23 0.98 24.77
C VAL C 60 18.01 1.45 26.21
N TRP C 61 17.30 2.55 26.40
CA TRP C 61 16.84 2.99 27.74
C TRP C 61 15.31 3.09 27.68
N GLU C 62 14.61 2.09 28.22
CA GLU C 62 13.13 2.04 28.21
C GLU C 62 12.57 2.56 29.54
N ASN C 63 11.34 3.06 29.50
CA ASN C 63 10.58 3.47 30.70
C ASN C 63 11.37 4.48 31.54
N LEU C 64 11.98 5.45 30.89
CA LEU C 64 12.72 6.47 31.66
C LEU C 64 11.71 7.45 32.23
N THR C 65 12.04 8.00 33.38
CA THR C 65 11.33 9.19 33.92
C THR C 65 12.20 10.39 33.55
N GLU C 66 11.69 11.22 32.66
CA GLU C 66 12.39 12.43 32.17
C GLU C 66 11.92 13.58 33.04
N HIS C 67 12.82 14.08 33.88
CA HIS C 67 12.57 15.26 34.75
C HIS C 67 12.81 16.50 33.88
N VAL C 68 11.74 17.20 33.50
CA VAL C 68 11.80 18.32 32.54
C VAL C 68 11.65 19.63 33.29
N SER C 69 12.57 20.55 33.02
CA SER C 69 12.61 21.94 33.54
C SER C 69 12.30 22.87 32.37
N LEU C 70 11.03 23.24 32.20
CA LEU C 70 10.57 23.99 31.03
C LEU C 70 10.52 25.49 31.41
N ASP C 71 11.10 26.33 30.55
CA ASP C 71 11.01 27.81 30.61
C ASP C 71 10.28 28.26 29.34
N TYR C 72 8.97 28.45 29.42
CA TYR C 72 8.10 28.79 28.25
C TYR C 72 7.84 30.30 28.18
N ARG C 73 8.03 30.89 26.99
CA ARG C 73 7.75 32.33 26.71
C ARG C 73 6.50 32.46 25.83
N PHE C 74 5.65 33.43 26.17
CA PHE C 74 4.51 33.91 25.35
C PHE C 74 4.93 35.22 24.69
N ALA C 75 4.68 35.37 23.38
CA ALA C 75 4.95 36.57 22.56
C ALA C 75 3.78 37.55 22.66
N ASN C 76 2.54 37.03 22.59
CA ASN C 76 1.29 37.78 22.80
C ASN C 76 0.44 37.04 23.84
N PRO C 77 0.81 37.10 25.13
CA PRO C 77 0.07 36.39 26.19
C PRO C 77 -1.32 36.95 26.42
N PRO C 78 -2.28 36.17 26.99
CA PRO C 78 -2.06 34.78 27.39
C PRO C 78 -2.22 33.80 26.22
N VAL C 79 -2.43 34.32 25.02
CA VAL C 79 -2.62 33.54 23.76
C VAL C 79 -1.28 32.96 23.33
N HIS C 80 -1.06 31.66 23.57
CA HIS C 80 0.05 30.90 22.93
C HIS C 80 -0.23 30.78 21.43
N GLY C 81 0.71 31.24 20.60
CA GLY C 81 0.59 31.28 19.13
C GLY C 81 1.95 31.50 18.47
N PRO C 82 1.99 31.72 17.15
CA PRO C 82 3.25 32.05 16.45
C PRO C 82 4.06 33.11 17.20
N GLY C 83 5.34 32.83 17.48
CA GLY C 83 6.27 33.74 18.17
C GLY C 83 6.63 33.24 19.55
N ASP C 84 5.79 32.42 20.17
CA ASP C 84 6.12 31.71 21.43
C ASP C 84 7.37 30.85 21.24
N TRP C 85 8.24 30.80 22.24
CA TRP C 85 9.49 29.99 22.22
C TRP C 85 9.74 29.45 23.63
N ASP C 86 10.51 28.36 23.72
CA ASP C 86 10.86 27.72 25.00
C ASP C 86 12.32 27.24 24.96
N THR C 87 12.91 27.12 26.15
CA THR C 87 14.17 26.37 26.42
C THR C 87 13.77 25.34 27.48
N TYR C 88 14.43 24.18 27.51
CA TYR C 88 14.18 23.17 28.57
C TYR C 88 15.46 22.39 28.82
N ASP C 89 15.53 21.86 30.04
CA ASP C 89 16.56 20.89 30.47
C ASP C 89 15.80 19.68 31.02
N SER C 90 16.28 18.50 30.66
CA SER C 90 15.74 17.20 31.08
C SER C 90 16.86 16.43 31.76
N ARG C 91 16.50 15.59 32.72
CA ARG C 91 17.37 14.52 33.25
C ARG C 91 16.64 13.23 32.95
N PHE C 92 17.35 12.24 32.42
CA PHE C 92 16.81 10.89 32.18
C PHE C 92 17.15 10.03 33.40
N VAL C 93 16.14 9.61 34.16
CA VAL C 93 16.30 8.68 35.32
C VAL C 93 15.67 7.33 34.97
N ASP C 94 16.43 6.25 35.11
CA ASP C 94 15.91 4.90 34.80
C ASP C 94 15.01 4.47 35.96
N PRO C 95 14.25 3.35 35.82
CA PRO C 95 13.34 2.89 36.88
C PRO C 95 14.01 2.70 38.24
N ALA C 96 15.30 2.32 38.24
CA ALA C 96 16.14 2.10 39.46
C ALA C 96 16.55 3.43 40.09
N GLY C 97 16.32 4.57 39.43
CA GLY C 97 16.67 5.90 39.98
C GLY C 97 18.03 6.39 39.49
N VAL C 98 18.75 5.60 38.68
CA VAL C 98 20.07 6.00 38.09
C VAL C 98 19.83 7.08 37.03
N GLU C 99 20.53 8.22 37.11
CA GLU C 99 20.51 9.27 36.06
C GLU C 99 21.44 8.82 34.93
N ILE C 100 20.90 8.64 33.72
CA ILE C 100 21.60 7.95 32.59
C ILE C 100 21.99 8.98 31.53
N GLY C 101 21.46 10.20 31.60
CA GLY C 101 21.80 11.28 30.67
C GLY C 101 20.99 12.53 30.92
N THR C 102 21.37 13.62 30.26
CA THR C 102 20.63 14.91 30.24
C THR C 102 20.37 15.36 28.81
N LEU C 103 19.51 16.36 28.68
CA LEU C 103 19.09 16.94 27.39
C LEU C 103 18.90 18.44 27.61
N GLN C 104 19.35 19.22 26.63
CA GLN C 104 19.10 20.66 26.47
C GLN C 104 18.28 20.80 25.19
N GLY C 105 17.14 21.49 25.24
CA GLY C 105 16.19 21.62 24.13
C GLY C 105 15.69 23.04 23.97
N THR C 106 15.28 23.36 22.75
CA THR C 106 14.77 24.66 22.31
C THR C 106 13.67 24.38 21.30
N GLY C 107 12.52 25.03 21.44
CA GLY C 107 11.49 25.06 20.37
C GLY C 107 10.99 26.47 20.10
N ARG C 108 10.50 26.71 18.87
CA ARG C 108 9.78 27.95 18.50
CA ARG C 108 9.78 27.95 18.49
C ARG C 108 8.43 27.57 17.87
N ILE C 109 7.36 28.30 18.21
CA ILE C 109 6.04 28.16 17.53
C ILE C 109 6.13 29.06 16.30
N LEU C 110 6.06 28.47 15.11
CA LEU C 110 6.40 29.17 13.87
C LEU C 110 5.15 29.58 13.10
N TYR C 111 4.10 28.76 13.11
CA TYR C 111 2.91 29.04 12.28
C TYR C 111 1.77 28.12 12.71
N GLU C 112 0.57 28.41 12.21
CA GLU C 112 -0.65 27.60 12.43
C GLU C 112 -1.00 26.98 11.08
N ARG C 113 -1.29 25.68 11.06
CA ARG C 113 -1.68 24.97 9.81
C ARG C 113 -2.97 25.57 9.28
N SER C 114 -3.11 25.66 7.96
CA SER C 114 -4.33 26.10 7.25
C SER C 114 -5.48 25.13 7.56
N SER C 115 -5.22 23.83 7.68
CA SER C 115 -6.32 22.83 7.73
C SER C 115 -7.06 22.92 9.08
N ASP C 116 -6.33 23.02 10.18
CA ASP C 116 -6.93 22.93 11.54
C ASP C 116 -6.30 23.94 12.52
N ALA C 117 -5.48 24.87 12.07
CA ALA C 117 -4.89 25.92 12.93
C ALA C 117 -3.97 25.32 14.01
N HIS C 118 -3.57 24.03 13.92
CA HIS C 118 -2.64 23.44 14.94
C HIS C 118 -1.32 24.20 14.96
N LEU C 119 -0.76 24.37 16.16
CA LEU C 119 0.43 25.20 16.44
C LEU C 119 1.66 24.37 16.11
N MET C 120 2.33 24.69 15.01
CA MET C 120 3.49 23.93 14.54
C MET C 120 4.73 24.54 15.16
N MET C 121 5.49 23.71 15.89
CA MET C 121 6.76 24.11 16.55
C MET C 121 7.93 23.36 15.93
N TYR C 122 9.05 24.05 15.79
CA TYR C 122 10.34 23.44 15.43
C TYR C 122 11.14 23.33 16.72
N TYR C 123 11.62 22.12 17.00
CA TYR C 123 12.43 21.78 18.21
CA TYR C 123 12.43 21.80 18.20
C TYR C 123 13.84 21.40 17.75
N ARG C 124 14.81 21.58 18.65
CA ARG C 124 16.20 21.10 18.53
C ARG C 124 16.63 20.71 19.92
N GLU C 125 17.32 19.57 20.03
CA GLU C 125 17.78 19.03 21.34
C GLU C 125 19.17 18.43 21.16
N GLN C 126 20.00 18.61 22.20
CA GLN C 126 21.31 17.95 22.39
C GLN C 126 21.17 17.00 23.57
N LEU C 127 21.40 15.72 23.33
CA LEU C 127 21.44 14.70 24.40
C LEU C 127 22.90 14.58 24.84
N THR C 128 23.16 14.53 26.14
CA THR C 128 24.52 14.28 26.72
C THR C 128 24.40 13.08 27.64
N PHE C 129 25.10 12.02 27.27
CA PHE C 129 25.29 10.81 28.09
C PHE C 129 26.71 10.90 28.61
N PRO C 130 27.05 10.21 29.70
CA PRO C 130 28.42 10.18 30.20
C PRO C 130 29.48 9.95 29.11
N ASP C 131 29.15 9.09 28.14
CA ASP C 131 30.12 8.57 27.15
C ASP C 131 29.81 9.09 25.74
N GLY C 132 29.04 10.17 25.58
CA GLY C 132 28.94 10.86 24.27
C GLY C 132 27.63 11.61 24.04
N THR C 133 27.39 12.05 22.80
CA THR C 133 26.33 13.02 22.45
C THR C 133 25.49 12.50 21.26
N ALA C 134 24.29 13.04 21.15
CA ALA C 134 23.34 12.84 20.03
C ALA C 134 22.42 14.07 19.94
N GLN C 135 21.72 14.20 18.82
CA GLN C 135 20.93 15.42 18.55
C GLN C 135 19.66 15.05 17.83
N THR C 136 18.64 15.87 18.02
CA THR C 136 17.31 15.79 17.39
C THR C 136 17.02 17.17 16.84
N ALA C 137 16.10 17.24 15.89
CA ALA C 137 15.54 18.46 15.29
C ALA C 137 14.27 18.01 14.57
N GLY C 138 13.20 18.79 14.63
CA GLY C 138 12.01 18.40 13.87
C GLY C 138 10.83 19.30 14.12
N TRP C 139 9.70 18.87 13.55
CA TRP C 139 8.39 19.51 13.73
C TRP C 139 7.65 18.74 14.82
N VAL C 140 6.91 19.48 15.61
CA VAL C 140 6.03 18.87 16.62
C VAL C 140 4.76 19.72 16.62
N ASP C 141 3.63 19.03 16.63
CA ASP C 141 2.29 19.64 16.70
C ASP C 141 2.10 20.08 18.15
N GLY C 142 2.30 21.37 18.43
CA GLY C 142 2.15 21.94 19.79
C GLY C 142 0.76 21.71 20.35
N THR C 143 -0.24 21.73 19.48
CA THR C 143 -1.66 21.42 19.83
C THR C 143 -1.72 19.99 20.38
N ALA C 144 -1.02 19.04 19.74
CA ALA C 144 -1.02 17.61 20.14
C ALA C 144 -0.20 17.40 21.42
N ILE C 145 0.81 18.24 21.70
CA ILE C 145 1.56 18.21 22.98
C ILE C 145 0.60 18.55 24.12
N LEU C 146 -0.27 19.55 23.93
CA LEU C 146 -1.28 20.01 24.94
C LEU C 146 -2.26 18.88 25.24
N GLY C 147 -2.63 18.08 24.23
CA GLY C 147 -3.55 16.93 24.35
C GLY C 147 -2.83 15.63 24.69
N GLY C 148 -1.55 15.70 25.09
CA GLY C 148 -0.73 14.59 25.65
C GLY C 148 -0.52 13.42 24.70
N ALA C 149 -0.40 13.65 23.38
CA ALA C 149 -0.05 12.60 22.39
C ALA C 149 1.43 12.21 22.55
N TRP C 150 1.74 10.93 22.29
CA TRP C 150 3.12 10.43 22.15
C TRP C 150 3.83 11.25 21.07
N GLN C 151 5.04 11.77 21.36
CA GLN C 151 5.93 12.45 20.38
C GLN C 151 7.14 11.55 20.07
N ARG C 152 7.52 11.44 18.80
CA ARG C 152 8.70 10.64 18.39
C ARG C 152 9.64 11.56 17.58
N PHE C 153 10.90 11.66 18.03
CA PHE C 153 11.98 12.44 17.37
C PHE C 153 13.07 11.47 16.92
N PRO C 154 13.46 11.49 15.64
CA PRO C 154 14.66 10.79 15.19
C PRO C 154 15.89 11.37 15.88
N ILE C 155 16.85 10.50 16.18
CA ILE C 155 18.15 10.87 16.78
C ILE C 155 19.25 10.59 15.77
N LEU C 156 20.21 11.50 15.68
CA LEU C 156 21.52 11.28 15.02
C LEU C 156 22.62 11.41 16.08
N GLY C 157 23.40 10.34 16.29
CA GLY C 157 24.59 10.39 17.14
C GLY C 157 25.55 11.45 16.68
N SER C 158 26.21 12.16 17.60
CA SER C 158 27.14 13.27 17.26
C SER C 158 28.48 13.17 17.99
N GLY C 159 28.73 12.21 18.89
CA GLY C 159 30.03 12.20 19.60
C GLY C 159 30.20 11.06 20.57
N GLY C 160 31.47 10.71 20.83
CA GLY C 160 31.91 9.57 21.67
C GLY C 160 31.24 8.30 21.21
N ARG C 161 30.68 7.51 22.12
CA ARG C 161 30.13 6.18 21.80
C ARG C 161 29.02 6.27 20.73
N TYR C 162 28.24 7.36 20.69
CA TYR C 162 26.99 7.43 19.88
C TYR C 162 27.22 8.05 18.50
N GLY C 163 28.45 8.50 18.22
CA GLY C 163 28.83 9.18 16.97
C GLY C 163 28.42 8.40 15.73
N SER C 164 28.35 7.08 15.81
CA SER C 164 28.13 6.15 14.68
C SER C 164 26.66 5.71 14.60
N MET C 165 25.78 6.36 15.37
CA MET C 165 24.46 5.78 15.67
C MET C 165 23.32 6.66 15.11
N ILE C 166 22.20 6.01 14.85
CA ILE C 166 20.90 6.67 14.67
C ILE C 166 19.94 6.08 15.69
N GLY C 167 18.83 6.74 15.88
CA GLY C 167 17.94 6.31 16.96
C GLY C 167 16.59 6.97 16.89
N LEU C 168 15.85 6.74 17.97
CA LEU C 168 14.51 7.30 18.18
C LEU C 168 14.36 7.70 19.67
N ARG C 169 13.81 8.87 19.89
CA ARG C 169 13.38 9.36 21.22
C ARG C 169 11.85 9.40 21.24
N SER C 170 11.22 8.60 22.08
CA SER C 170 9.74 8.55 22.20
C SER C 170 9.36 8.99 23.61
N PHE C 171 8.49 9.98 23.75
CA PHE C 171 8.09 10.53 25.07
C PHE C 171 6.62 10.97 25.07
N GLN C 172 6.02 10.91 26.26
CA GLN C 172 4.65 11.40 26.54
C GLN C 172 4.65 12.25 27.81
N PRO C 173 4.20 13.53 27.76
CA PRO C 173 3.89 14.28 28.98
C PRO C 173 2.95 13.43 29.87
N THR C 174 3.32 13.21 31.13
CA THR C 174 2.61 12.28 32.06
C THR C 174 1.29 12.93 32.48
N PRO C 175 0.33 12.14 33.03
CA PRO C 175 -0.94 12.70 33.50
C PRO C 175 -0.75 13.54 34.78
N GLU C 176 -0.10 12.98 35.78
CA GLU C 176 0.12 13.68 37.07
C GLU C 176 0.83 15.02 36.85
N ALA C 177 2.11 15.03 36.46
CA ALA C 177 2.82 16.31 36.22
C ALA C 177 3.20 16.40 34.74
N PRO C 178 2.38 17.05 33.88
CA PRO C 178 2.60 17.05 32.44
C PRO C 178 3.55 18.14 31.92
N HIS C 179 4.12 18.91 32.83
CA HIS C 179 5.06 19.98 32.43
C HIS C 179 6.41 19.69 33.06
N SER C 180 6.55 18.55 33.74
CA SER C 180 7.84 18.31 34.42
C SER C 180 8.20 16.84 34.48
N LEU C 181 7.29 15.92 34.16
CA LEU C 181 7.68 14.49 34.15
C LEU C 181 7.10 13.81 32.92
N TYR C 182 7.96 13.38 32.01
CA TYR C 182 7.55 12.54 30.85
C TYR C 182 7.98 11.10 31.11
N ARG C 183 7.27 10.14 30.49
CA ARG C 183 7.76 8.76 30.36
C ARG C 183 8.41 8.65 28.99
N THR C 184 9.66 8.20 28.94
CA THR C 184 10.55 8.43 27.77
C THR C 184 11.25 7.12 27.45
N HIS C 185 11.39 6.85 26.16
CA HIS C 185 12.16 5.69 25.67
C HIS C 185 13.19 6.21 24.66
N LEU C 186 14.44 5.81 24.82
CA LEU C 186 15.52 6.17 23.86
C LEU C 186 16.08 4.88 23.29
N VAL C 187 16.30 4.85 21.98
CA VAL C 187 17.14 3.81 21.35
C VAL C 187 18.13 4.51 20.41
N LEU C 188 19.40 4.13 20.54
CA LEU C 188 20.45 4.50 19.58
C LEU C 188 21.17 3.22 19.19
N ARG C 189 21.52 3.08 17.90
CA ARG C 189 22.20 1.88 17.36
C ARG C 189 23.28 2.27 16.36
N GLU C 190 24.44 1.62 16.50
CA GLU C 190 25.56 1.70 15.54
C GLU C 190 25.05 1.30 14.16
N ILE C 191 25.39 2.11 13.18
CA ILE C 191 25.32 1.80 11.73
C ILE C 191 26.73 1.42 11.34
N PRO C 192 26.99 0.28 10.69
CA PRO C 192 28.37 -0.14 10.42
C PRO C 192 29.04 0.93 9.55
N GLY C 193 30.16 1.50 10.01
CA GLY C 193 30.88 2.58 9.31
C GLY C 193 30.36 3.96 9.72
N GLY C 194 29.33 4.02 10.56
CA GLY C 194 28.68 5.27 11.00
C GLY C 194 27.73 5.81 9.94
N HIS C 195 27.05 6.92 10.24
CA HIS C 195 26.08 7.55 9.31
C HIS C 195 26.86 8.42 8.31
N GLY C 196 28.13 8.70 8.60
CA GLY C 196 29.00 9.58 7.78
C GLY C 196 28.26 10.83 7.39
N LEU C 197 27.82 11.60 8.38
CA LEU C 197 27.25 12.97 8.24
C LEU C 197 27.89 13.83 9.31
N THR C 198 28.60 14.89 8.90
CA THR C 198 29.37 15.80 9.79
C THR C 198 28.82 17.23 9.66
N ASP C 199 28.40 17.59 8.45
CA ASP C 199 28.04 18.98 8.05
C ASP C 199 26.62 19.28 8.54
N PRO C 200 26.38 20.48 9.12
CA PRO C 200 25.03 20.90 9.54
C PRO C 200 23.89 20.66 8.55
N GLU C 201 24.08 21.06 7.29
CA GLU C 201 23.14 20.86 6.15
C GLU C 201 22.76 19.38 6.00
N GLU C 202 23.78 18.49 5.99
CA GLU C 202 23.61 17.03 5.80
C GLU C 202 22.79 16.46 6.98
N ILE C 203 23.19 16.81 8.20
CA ILE C 203 22.56 16.41 9.49
C ILE C 203 21.08 16.84 9.48
N ASP C 204 20.82 18.10 9.16
CA ASP C 204 19.43 18.64 9.05
C ASP C 204 18.63 17.83 8.01
N ALA C 205 19.21 17.53 6.85
CA ALA C 205 18.51 16.75 5.81
C ALA C 205 18.17 15.35 6.36
N ALA C 206 19.15 14.68 6.96
CA ALA C 206 18.98 13.34 7.59
C ALA C 206 17.81 13.39 8.59
N LEU C 207 17.80 14.35 9.49
CA LEU C 207 16.75 14.42 10.53
C LEU C 207 15.41 14.72 9.89
N SER C 208 15.40 15.51 8.80
CA SER C 208 14.15 15.82 8.08
C SER C 208 13.64 14.53 7.39
N LEU C 209 14.54 13.74 6.81
CA LEU C 209 14.21 12.47 6.12
C LEU C 209 13.61 11.46 7.12
N LEU C 210 14.30 11.21 8.23
CA LEU C 210 13.79 10.30 9.29
C LEU C 210 12.52 10.85 9.91
N GLY C 211 12.41 12.18 10.06
CA GLY C 211 11.23 12.86 10.66
C GLY C 211 9.96 12.63 9.85
N ALA C 212 10.09 12.39 8.54
CA ALA C 212 8.94 12.13 7.64
C ALA C 212 8.12 10.95 8.16
N PHE C 213 8.78 9.92 8.70
CA PHE C 213 8.14 8.67 9.19
C PHE C 213 7.31 8.90 10.45
N VAL C 214 7.71 9.85 11.31
CA VAL C 214 7.16 9.98 12.68
C VAL C 214 6.47 11.33 12.89
N GLY C 215 6.88 12.40 12.21
CA GLY C 215 6.49 13.77 12.58
C GLY C 215 5.08 14.11 12.09
N PRO C 216 4.52 15.25 12.54
CA PRO C 216 3.23 15.71 12.03
C PRO C 216 3.33 16.16 10.57
N SER C 217 2.20 16.13 9.87
CA SER C 217 2.04 16.77 8.56
C SER C 217 2.20 18.29 8.74
N VAL C 218 3.07 18.91 7.95
CA VAL C 218 3.40 20.36 8.13
C VAL C 218 2.26 21.26 7.68
N ASN C 219 1.51 20.84 6.67
CA ASN C 219 0.39 21.66 6.14
C ASN C 219 -0.47 20.79 5.23
N PRO C 220 -1.35 19.95 5.76
CA PRO C 220 -2.21 19.15 4.93
C PRO C 220 -3.07 19.95 3.94
N ALA C 221 -3.43 19.32 2.83
CA ALA C 221 -4.37 19.86 1.82
C ALA C 221 -5.66 20.26 2.55
N THR C 222 -6.18 21.45 2.29
CA THR C 222 -7.36 22.00 2.99
C THR C 222 -8.66 21.48 2.37
N GLY C 223 -8.60 20.95 1.13
CA GLY C 223 -9.79 20.60 0.34
C GLY C 223 -10.32 21.76 -0.49
N ASN C 224 -9.81 22.98 -0.25
CA ASN C 224 -10.25 24.19 -0.97
C ASN C 224 -9.17 24.62 -1.96
N GLY C 225 -8.04 23.93 -1.98
CA GLY C 225 -6.94 24.29 -2.88
C GLY C 225 -6.38 25.63 -2.51
N ARG C 226 -6.60 26.04 -1.27
CA ARG C 226 -6.07 27.33 -0.77
C ARG C 226 -5.34 27.03 0.53
N LEU C 227 -4.10 27.49 0.65
CA LEU C 227 -3.30 27.37 1.89
C LEU C 227 -3.37 28.70 2.61
N GLU C 228 -4.59 29.20 2.75
CA GLU C 228 -4.93 30.48 3.34
C GLU C 228 -4.67 30.33 4.81
N PRO C 229 -4.07 31.38 5.66
CA PRO C 229 -3.82 31.42 7.11
C PRO C 229 -5.15 31.28 7.84
N PRO C 230 -5.26 30.42 8.88
CA PRO C 230 -6.54 30.15 9.54
C PRO C 230 -7.28 31.38 10.11
N ARG D 23 8.96 1.31 23.40
CA ARG D 23 8.21 1.18 22.13
C ARG D 23 8.82 2.11 21.07
N PHE D 24 9.25 1.55 19.94
CA PHE D 24 10.00 2.25 18.86
C PHE D 24 9.43 1.87 17.49
N THR D 25 8.15 1.52 17.43
CA THR D 25 7.49 1.05 16.18
C THR D 25 7.04 2.28 15.40
N LEU D 26 7.37 2.34 14.12
CA LEU D 26 6.98 3.44 13.21
C LEU D 26 5.57 3.16 12.70
N PRO D 27 4.90 4.16 12.09
CA PRO D 27 3.56 3.94 11.55
C PRO D 27 3.60 2.85 10.48
N ALA D 28 2.42 2.28 10.20
CA ALA D 28 2.13 1.14 9.29
C ALA D 28 2.61 1.43 7.87
N HIS D 29 2.49 2.66 7.37
CA HIS D 29 2.91 3.05 6.00
C HIS D 29 4.43 3.18 5.85
N SER D 30 5.22 2.94 6.90
CA SER D 30 6.71 3.16 6.89
C SER D 30 7.38 2.37 5.77
N PRO D 31 7.14 1.04 5.61
CA PRO D 31 7.78 0.27 4.55
C PRO D 31 7.45 0.79 3.13
N ALA D 32 6.20 1.15 2.90
CA ALA D 32 5.74 1.76 1.62
C ALA D 32 6.54 3.06 1.39
N LEU D 33 6.69 3.92 2.39
CA LEU D 33 7.51 5.17 2.25
C LEU D 33 8.96 4.79 1.95
N ALA D 34 9.51 3.81 2.67
CA ALA D 34 10.92 3.40 2.56
C ALA D 34 11.22 2.90 1.12
N ALA D 35 10.27 2.21 0.49
CA ALA D 35 10.35 1.69 -0.90
C ALA D 35 10.55 2.83 -1.92
N LEU D 36 9.95 4.00 -1.67
CA LEU D 36 10.03 5.17 -2.58
C LEU D 36 11.47 5.68 -2.70
N VAL D 37 12.33 5.45 -1.71
CA VAL D 37 13.64 6.18 -1.64
C VAL D 37 14.58 5.69 -2.75
N PRO D 38 14.89 4.39 -2.87
CA PRO D 38 15.78 3.93 -3.93
C PRO D 38 15.21 4.30 -5.30
N GLU D 39 13.88 4.22 -5.47
CA GLU D 39 13.21 4.64 -6.73
C GLU D 39 13.42 6.14 -7.01
N PHE D 40 13.36 7.03 -6.00
CA PHE D 40 13.54 8.49 -6.17
C PHE D 40 14.98 8.79 -6.64
N LEU D 41 15.99 8.16 -6.04
CA LEU D 41 17.42 8.34 -6.41
C LEU D 41 17.66 7.82 -7.83
N ASP D 42 16.80 6.94 -8.36
CA ASP D 42 16.99 6.28 -9.68
C ASP D 42 16.44 7.16 -10.81
N LEU D 43 15.72 8.26 -10.54
CA LEU D 43 14.98 9.04 -11.57
C LEU D 43 15.96 9.71 -12.54
N ALA D 44 17.04 10.32 -12.04
CA ALA D 44 18.05 11.02 -12.87
C ALA D 44 18.54 10.07 -13.97
N ARG D 45 19.11 8.94 -13.57
CA ARG D 45 19.58 7.86 -14.47
C ARG D 45 18.45 7.50 -15.44
N ALA D 46 17.25 7.21 -14.92
CA ALA D 46 16.11 6.67 -15.69
C ALA D 46 15.73 7.64 -16.81
N ALA D 47 15.62 8.94 -16.49
CA ALA D 47 15.16 9.99 -17.41
C ALA D 47 16.20 10.23 -18.53
N SER D 48 17.32 9.49 -18.52
CA SER D 48 18.34 9.49 -19.61
C SER D 48 18.37 8.11 -20.31
N GLY D 49 18.93 7.08 -19.66
CA GLY D 49 19.04 5.70 -20.18
C GLY D 49 19.75 4.77 -19.22
N GLU D 55 11.86 0.21 -19.73
CA GLU D 55 11.70 -0.54 -18.45
C GLU D 55 10.25 -0.42 -17.96
N ARG D 56 9.93 0.67 -17.26
CA ARG D 56 8.57 1.02 -16.76
C ARG D 56 8.05 2.20 -17.58
N ASP D 57 6.75 2.48 -17.49
CA ASP D 57 6.13 3.70 -18.06
C ASP D 57 6.89 4.92 -17.48
N LEU D 58 7.49 5.70 -18.37
CA LEU D 58 8.29 6.91 -18.05
C LEU D 58 7.56 8.08 -18.69
N ALA D 59 7.50 9.25 -18.04
CA ALA D 59 7.06 10.52 -18.65
C ALA D 59 8.11 11.59 -18.30
N VAL D 60 8.72 12.17 -19.33
CA VAL D 60 9.78 13.20 -19.20
C VAL D 60 9.38 14.39 -20.09
N TRP D 61 9.18 15.55 -19.47
CA TRP D 61 9.01 16.85 -20.14
C TRP D 61 10.12 17.78 -19.68
N GLU D 62 11.13 17.99 -20.52
CA GLU D 62 12.28 18.89 -20.22
C GLU D 62 12.07 20.24 -20.93
N ASN D 63 12.70 21.30 -20.40
CA ASN D 63 12.72 22.65 -21.01
C ASN D 63 11.30 23.08 -21.36
N LEU D 64 10.32 22.78 -20.49
CA LEU D 64 8.96 23.33 -20.62
C LEU D 64 9.03 24.83 -20.35
N THR D 65 8.14 25.61 -20.97
CA THR D 65 7.84 26.99 -20.53
C THR D 65 6.57 26.94 -19.69
N GLU D 66 6.68 27.41 -18.46
CA GLU D 66 5.55 27.41 -17.51
C GLU D 66 5.05 28.84 -17.39
N HIS D 67 3.85 29.06 -17.91
CA HIS D 67 3.12 30.35 -17.92
C HIS D 67 2.31 30.40 -16.63
N VAL D 68 2.71 31.27 -15.72
CA VAL D 68 2.17 31.31 -14.33
C VAL D 68 1.31 32.57 -14.18
N SER D 69 0.08 32.41 -13.73
CA SER D 69 -0.85 33.50 -13.37
C SER D 69 -1.06 33.50 -11.85
N LEU D 70 -0.58 34.54 -11.17
CA LEU D 70 -0.39 34.58 -9.70
C LEU D 70 -1.44 35.51 -9.08
N ASP D 71 -2.12 35.03 -8.04
CA ASP D 71 -3.07 35.83 -7.21
C ASP D 71 -2.54 35.87 -5.78
N TYR D 72 -1.72 36.88 -5.48
CA TYR D 72 -0.91 37.02 -4.25
C TYR D 72 -1.67 37.94 -3.28
N ARG D 73 -1.95 37.45 -2.07
CA ARG D 73 -2.59 38.22 -0.97
C ARG D 73 -1.54 38.65 0.05
N PHE D 74 -1.45 39.95 0.34
CA PHE D 74 -0.57 40.55 1.38
C PHE D 74 -1.30 40.58 2.72
N ALA D 75 -0.59 40.21 3.79
CA ALA D 75 -1.09 40.28 5.18
C ALA D 75 -0.83 41.69 5.74
N ASN D 76 0.31 42.31 5.37
CA ASN D 76 0.73 43.68 5.83
C ASN D 76 1.34 44.44 4.66
N PRO D 77 0.56 44.83 3.62
CA PRO D 77 1.15 45.43 2.41
C PRO D 77 1.77 46.80 2.70
N PRO D 78 2.84 47.21 1.98
CA PRO D 78 3.44 46.43 0.89
C PRO D 78 4.68 45.59 1.24
N VAL D 79 4.99 45.35 2.53
CA VAL D 79 6.12 44.47 2.95
C VAL D 79 5.73 43.01 2.68
N HIS D 80 6.60 42.26 2.00
CA HIS D 80 6.51 40.78 1.88
C HIS D 80 6.86 40.20 3.25
N GLY D 81 6.00 39.37 3.83
CA GLY D 81 6.31 38.73 5.12
C GLY D 81 5.35 37.59 5.47
N PRO D 82 5.50 37.01 6.68
CA PRO D 82 4.58 35.98 7.18
C PRO D 82 3.10 36.38 7.08
N GLY D 83 2.25 35.46 6.61
CA GLY D 83 0.79 35.67 6.51
C GLY D 83 0.38 35.95 5.09
N ASP D 84 1.33 36.35 4.23
CA ASP D 84 1.12 36.42 2.76
C ASP D 84 0.81 35.00 2.29
N TRP D 85 -0.06 34.89 1.27
CA TRP D 85 -0.38 33.58 0.64
C TRP D 85 -0.84 33.82 -0.79
N ASP D 86 -0.81 32.79 -1.62
CA ASP D 86 -1.24 32.93 -3.03
C ASP D 86 -1.91 31.65 -3.51
N THR D 87 -2.61 31.80 -4.62
CA THR D 87 -2.99 30.70 -5.54
C THR D 87 -2.39 31.06 -6.89
N TYR D 88 -2.16 30.07 -7.75
CA TYR D 88 -1.65 30.31 -9.12
C TYR D 88 -2.14 29.14 -9.97
N ASP D 89 -2.36 29.44 -11.25
CA ASP D 89 -2.61 28.50 -12.36
C ASP D 89 -1.39 28.61 -13.26
N SER D 90 -0.90 27.47 -13.74
CA SER D 90 0.25 27.34 -14.65
C SER D 90 -0.20 26.57 -15.89
N ARG D 91 0.33 26.94 -17.04
CA ARG D 91 0.22 26.13 -18.27
C ARG D 91 1.63 25.69 -18.64
N PHE D 92 1.87 24.39 -18.70
CA PHE D 92 3.14 23.77 -19.14
C PHE D 92 3.16 23.74 -20.67
N VAL D 93 4.06 24.51 -21.30
CA VAL D 93 4.14 24.60 -22.78
C VAL D 93 5.52 24.11 -23.24
N ASP D 94 5.55 23.05 -24.04
CA ASP D 94 6.80 22.40 -24.55
C ASP D 94 7.42 23.33 -25.59
N PRO D 95 8.69 23.08 -25.99
CA PRO D 95 9.43 24.04 -26.82
C PRO D 95 8.74 24.29 -28.18
N ALA D 96 8.10 23.26 -28.73
CA ALA D 96 7.23 23.28 -29.95
C ALA D 96 6.01 24.21 -29.75
N GLY D 97 5.62 24.51 -28.50
CA GLY D 97 4.52 25.44 -28.18
C GLY D 97 3.20 24.73 -27.88
N VAL D 98 3.25 23.41 -27.69
CA VAL D 98 2.08 22.57 -27.28
C VAL D 98 1.89 22.67 -25.75
N GLU D 99 0.68 22.98 -25.30
CA GLU D 99 0.27 22.85 -23.87
C GLU D 99 0.23 21.35 -23.56
N ILE D 100 1.11 20.86 -22.67
CA ILE D 100 1.16 19.42 -22.29
C ILE D 100 0.46 19.20 -20.95
N GLY D 101 -0.01 20.25 -20.28
CA GLY D 101 -0.71 20.10 -19.00
C GLY D 101 -0.78 21.40 -18.22
N THR D 102 -1.50 21.36 -17.12
CA THR D 102 -1.76 22.52 -16.25
C THR D 102 -1.45 22.10 -14.83
N LEU D 103 -1.38 23.09 -13.95
CA LEU D 103 -1.07 22.97 -12.52
C LEU D 103 -1.92 24.02 -11.81
N GLN D 104 -2.41 23.69 -10.63
CA GLN D 104 -3.09 24.67 -9.77
C GLN D 104 -2.30 24.63 -8.48
N GLY D 105 -1.73 25.75 -8.08
CA GLY D 105 -0.91 25.75 -6.86
C GLY D 105 -1.39 26.74 -5.82
N THR D 106 -0.86 26.61 -4.61
CA THR D 106 -1.15 27.51 -3.48
C THR D 106 0.09 27.53 -2.59
N GLY D 107 0.39 28.68 -2.03
CA GLY D 107 1.57 28.80 -1.16
C GLY D 107 1.31 29.79 -0.06
N ARG D 108 2.01 29.64 1.06
CA ARG D 108 1.94 30.58 2.21
C ARG D 108 3.36 30.90 2.65
N ILE D 109 3.57 32.18 2.96
CA ILE D 109 4.75 32.64 3.75
C ILE D 109 4.45 32.40 5.23
N LEU D 110 5.23 31.53 5.88
CA LEU D 110 4.91 31.05 7.24
C LEU D 110 5.77 31.77 8.29
N TYR D 111 7.05 31.95 8.04
CA TYR D 111 7.99 32.44 9.08
C TYR D 111 9.34 32.82 8.48
N GLU D 112 10.14 33.52 9.27
CA GLU D 112 11.57 33.80 8.97
C GLU D 112 12.41 32.85 9.83
N ARG D 113 13.46 32.24 9.28
CA ARG D 113 14.33 31.32 10.06
C ARG D 113 15.00 32.07 11.23
N SER D 114 15.35 31.34 12.30
CA SER D 114 16.09 31.82 13.49
C SER D 114 17.47 32.35 13.05
N SER D 115 18.12 31.66 12.11
CA SER D 115 19.53 31.84 11.69
C SER D 115 19.71 33.17 10.97
N ASP D 116 19.11 33.29 9.78
CA ASP D 116 19.41 34.32 8.76
C ASP D 116 18.11 35.03 8.36
N ALA D 117 17.02 34.75 9.08
CA ALA D 117 15.65 35.31 8.90
C ALA D 117 15.17 35.25 7.43
N HIS D 118 15.59 34.25 6.64
CA HIS D 118 14.99 33.98 5.31
C HIS D 118 13.50 33.68 5.45
N LEU D 119 12.67 34.11 4.49
CA LEU D 119 11.20 33.88 4.48
C LEU D 119 10.91 32.46 3.97
N MET D 120 10.47 31.58 4.86
CA MET D 120 10.19 30.16 4.53
C MET D 120 8.74 30.07 4.10
N MET D 121 8.52 29.41 2.97
CA MET D 121 7.18 29.28 2.35
C MET D 121 6.93 27.80 2.07
N TYR D 122 5.67 27.40 2.10
CA TYR D 122 5.25 26.02 1.83
C TYR D 122 4.23 26.09 0.71
N TYR D 123 4.33 25.15 -0.25
CA TYR D 123 3.46 25.07 -1.43
C TYR D 123 2.81 23.71 -1.53
N ARG D 124 1.61 23.68 -2.10
CA ARG D 124 0.92 22.44 -2.54
C ARG D 124 0.46 22.68 -3.97
N GLU D 125 0.61 21.68 -4.84
CA GLU D 125 0.20 21.78 -6.26
C GLU D 125 -0.51 20.49 -6.71
N GLN D 126 -1.48 20.68 -7.61
CA GLN D 126 -2.29 19.65 -8.30
C GLN D 126 -1.94 19.77 -9.79
N LEU D 127 -1.28 18.76 -10.34
CA LEU D 127 -0.93 18.76 -11.79
C LEU D 127 -2.01 17.99 -12.54
N THR D 128 -2.40 18.51 -13.70
CA THR D 128 -3.40 17.88 -14.60
C THR D 128 -2.81 17.78 -16.01
N PHE D 129 -2.65 16.54 -16.47
CA PHE D 129 -2.28 16.19 -17.85
C PHE D 129 -3.53 15.65 -18.54
N PRO D 130 -3.50 15.54 -19.88
CA PRO D 130 -4.59 14.91 -20.62
C PRO D 130 -4.89 13.48 -20.12
N ASP D 131 -3.88 12.70 -19.74
CA ASP D 131 -4.07 11.26 -19.38
C ASP D 131 -3.92 11.00 -17.88
N GLY D 132 -4.11 11.97 -16.99
CA GLY D 132 -4.07 11.72 -15.54
C GLY D 132 -3.56 12.89 -14.73
N THR D 133 -3.26 12.64 -13.45
CA THR D 133 -3.04 13.69 -12.41
C THR D 133 -1.84 13.30 -11.53
N ALA D 134 -1.21 14.29 -10.92
CA ALA D 134 -0.12 14.12 -9.94
C ALA D 134 -0.16 15.30 -8.96
N GLN D 135 0.60 15.24 -7.88
CA GLN D 135 0.60 16.33 -6.88
C GLN D 135 2.01 16.52 -6.34
N THR D 136 2.22 17.70 -5.75
CA THR D 136 3.49 18.12 -5.12
C THR D 136 3.19 18.84 -3.81
N ALA D 137 4.21 18.90 -2.96
CA ALA D 137 4.26 19.86 -1.85
C ALA D 137 5.73 20.07 -1.53
N GLY D 138 6.04 21.18 -0.90
CA GLY D 138 7.43 21.45 -0.52
C GLY D 138 7.63 22.84 0.01
N TRP D 139 8.77 22.98 0.67
CA TRP D 139 9.30 24.24 1.24
C TRP D 139 10.07 24.97 0.15
N VAL D 140 9.96 26.31 0.17
CA VAL D 140 10.75 27.27 -0.64
C VAL D 140 11.38 28.27 0.35
N ASP D 141 12.70 28.48 0.27
CA ASP D 141 13.39 29.65 0.87
C ASP D 141 13.13 30.86 -0.05
N GLY D 142 12.19 31.72 0.31
CA GLY D 142 11.89 33.00 -0.38
C GLY D 142 13.09 33.97 -0.51
N THR D 143 13.90 34.07 0.52
CA THR D 143 15.08 34.96 0.53
C THR D 143 16.28 34.24 -0.09
N ALA D 144 16.10 33.64 -1.26
CA ALA D 144 17.15 32.84 -1.91
C ALA D 144 16.71 32.57 -3.34
N ILE D 145 15.39 32.49 -3.55
CA ILE D 145 14.84 32.30 -4.92
C ILE D 145 15.18 33.65 -5.56
N LEU D 146 16.17 33.63 -6.45
CA LEU D 146 16.80 34.84 -7.08
C LEU D 146 16.44 34.87 -8.57
N ALA D 149 17.89 30.86 -8.93
CA ALA D 149 17.91 29.66 -8.04
C ALA D 149 16.77 28.70 -8.44
N TRP D 150 17.10 27.40 -8.57
CA TRP D 150 16.16 26.30 -8.91
C TRP D 150 15.35 25.87 -7.68
N GLN D 151 14.05 25.66 -7.85
CA GLN D 151 13.13 25.10 -6.82
C GLN D 151 12.77 23.69 -7.25
N ARG D 152 12.62 22.77 -6.30
CA ARG D 152 12.41 21.33 -6.59
C ARG D 152 11.40 20.75 -5.59
N PHE D 153 10.32 20.18 -6.10
CA PHE D 153 9.29 19.50 -5.31
C PHE D 153 9.24 18.06 -5.79
N PRO D 154 9.10 17.06 -4.89
CA PRO D 154 8.78 15.72 -5.33
C PRO D 154 7.35 15.70 -5.90
N ILE D 155 7.11 14.79 -6.85
CA ILE D 155 5.77 14.52 -7.45
C ILE D 155 5.27 13.16 -6.98
N LEU D 156 4.04 13.09 -6.50
CA LEU D 156 3.31 11.81 -6.36
C LEU D 156 2.17 11.76 -7.38
N GLY D 157 2.16 10.72 -8.22
CA GLY D 157 1.05 10.50 -9.16
C GLY D 157 -0.22 10.21 -8.40
N SER D 158 -1.34 10.74 -8.88
CA SER D 158 -2.63 10.75 -8.12
C SER D 158 -3.78 10.20 -8.96
N GLY D 159 -3.58 9.90 -10.25
CA GLY D 159 -4.68 9.44 -11.12
C GLY D 159 -4.23 9.12 -12.53
N GLY D 160 -5.03 8.31 -13.22
CA GLY D 160 -4.84 7.97 -14.64
C GLY D 160 -3.51 7.27 -14.87
N ARG D 161 -2.78 7.68 -15.89
CA ARG D 161 -1.52 7.04 -16.32
C ARG D 161 -0.49 7.16 -15.18
N TYR D 162 -0.57 8.23 -14.39
CA TYR D 162 0.52 8.67 -13.48
C TYR D 162 0.31 8.12 -12.07
N GLY D 163 -0.84 7.50 -11.80
CA GLY D 163 -1.26 7.02 -10.47
C GLY D 163 -0.23 6.16 -9.77
N SER D 164 0.56 5.40 -10.52
CA SER D 164 1.56 4.42 -10.01
C SER D 164 2.94 5.07 -10.03
N MET D 165 3.01 6.38 -10.24
CA MET D 165 4.28 7.08 -10.50
C MET D 165 4.68 7.99 -9.33
N ILE D 166 5.98 8.14 -9.17
CA ILE D 166 6.64 9.23 -8.40
C ILE D 166 7.55 9.98 -9.36
N GLY D 167 7.94 11.19 -8.99
CA GLY D 167 8.76 12.03 -9.88
C GLY D 167 9.33 13.22 -9.16
N LEU D 168 9.77 14.21 -9.94
CA LEU D 168 10.45 15.42 -9.47
C LEU D 168 10.02 16.55 -10.39
N ARG D 169 9.67 17.69 -9.81
CA ARG D 169 9.36 18.94 -10.53
C ARG D 169 10.44 19.95 -10.19
N SER D 170 11.21 20.38 -11.19
CA SER D 170 12.28 21.40 -11.04
C SER D 170 11.94 22.61 -11.90
N PHE D 171 12.01 23.81 -11.31
CA PHE D 171 11.61 25.06 -11.98
C PHE D 171 12.49 26.21 -11.49
N GLN D 172 12.79 27.12 -12.42
CA GLN D 172 13.55 28.38 -12.19
C GLN D 172 12.73 29.53 -12.76
N PRO D 173 12.31 30.51 -11.93
CA PRO D 173 11.66 31.72 -12.45
C PRO D 173 12.63 32.47 -13.39
N THR D 174 12.24 32.69 -14.66
CA THR D 174 13.06 33.37 -15.71
C THR D 174 13.49 34.75 -15.20
N PRO D 175 14.74 35.18 -15.44
CA PRO D 175 15.21 36.45 -14.90
C PRO D 175 14.33 37.58 -15.45
N GLU D 176 13.94 37.49 -16.73
CA GLU D 176 13.07 38.46 -17.44
C GLU D 176 11.74 38.68 -16.69
N ALA D 177 11.15 37.61 -16.14
CA ALA D 177 9.71 37.53 -15.78
C ALA D 177 9.47 36.56 -14.63
N PRO D 178 10.08 36.79 -13.44
CA PRO D 178 10.12 35.79 -12.37
C PRO D 178 8.77 35.40 -11.75
N HIS D 179 7.69 36.11 -12.09
CA HIS D 179 6.34 35.93 -11.47
C HIS D 179 5.31 35.48 -12.50
N SER D 180 5.68 35.26 -13.77
CA SER D 180 4.74 34.77 -14.81
C SER D 180 5.38 33.75 -15.77
N LEU D 181 6.70 33.70 -15.89
CA LEU D 181 7.36 32.67 -16.74
C LEU D 181 8.40 31.92 -15.89
N TYR D 182 8.37 30.58 -15.92
CA TYR D 182 9.42 29.70 -15.37
C TYR D 182 9.94 28.76 -16.48
N ARG D 183 11.19 28.35 -16.36
CA ARG D 183 11.70 27.16 -17.09
C ARG D 183 11.52 25.94 -16.16
N THR D 184 10.89 24.87 -16.65
CA THR D 184 10.39 23.76 -15.79
C THR D 184 10.77 22.41 -16.41
N HIS D 185 11.26 21.48 -15.58
CA HIS D 185 11.41 20.04 -15.94
C HIS D 185 10.52 19.22 -15.03
N LEU D 186 9.85 18.21 -15.60
CA LEU D 186 9.05 17.21 -14.90
C LEU D 186 9.60 15.85 -15.30
N VAL D 187 9.85 14.98 -14.34
CA VAL D 187 10.00 13.51 -14.62
C VAL D 187 8.97 12.82 -13.75
N LEU D 188 8.29 11.82 -14.31
CA LEU D 188 7.46 10.86 -13.55
C LEU D 188 7.79 9.46 -14.05
N ARG D 189 7.95 8.51 -13.13
CA ARG D 189 8.31 7.13 -13.49
C ARG D 189 7.47 6.15 -12.67
N GLU D 190 6.90 5.18 -13.38
CA GLU D 190 6.18 4.02 -12.77
C GLU D 190 7.17 3.31 -11.85
N ILE D 191 6.68 2.90 -10.68
CA ILE D 191 7.37 1.95 -9.79
C ILE D 191 6.50 0.70 -9.67
N PRO D 192 7.12 -0.50 -9.71
CA PRO D 192 6.36 -1.74 -9.90
C PRO D 192 5.37 -1.95 -8.73
N GLY D 193 4.08 -2.07 -9.05
CA GLY D 193 2.99 -2.24 -8.08
C GLY D 193 2.40 -0.91 -7.61
N GLY D 194 2.96 0.23 -8.05
CA GLY D 194 2.52 1.56 -7.61
C GLY D 194 3.14 1.96 -6.29
N HIS D 195 3.00 3.22 -5.89
CA HIS D 195 3.61 3.79 -4.67
C HIS D 195 2.82 3.35 -3.43
N GLY D 196 1.53 3.04 -3.62
CA GLY D 196 0.70 2.34 -2.63
C GLY D 196 0.05 3.28 -1.64
N LEU D 197 0.15 4.60 -1.87
CA LEU D 197 -0.33 5.65 -0.94
C LEU D 197 -1.66 6.18 -1.44
N THR D 198 -2.70 6.17 -0.60
CA THR D 198 -4.07 6.66 -0.95
C THR D 198 -4.56 7.72 0.03
N ASP D 199 -4.21 7.62 1.31
CA ASP D 199 -4.73 8.51 2.36
C ASP D 199 -3.88 9.80 2.41
N PRO D 200 -4.45 10.98 2.71
CA PRO D 200 -3.67 12.22 2.82
C PRO D 200 -2.44 12.14 3.76
N GLU D 201 -2.58 11.48 4.90
CA GLU D 201 -1.53 11.31 5.92
C GLU D 201 -0.28 10.65 5.31
N GLU D 202 -0.44 9.57 4.54
CA GLU D 202 0.75 8.86 3.99
C GLU D 202 1.28 9.60 2.76
N ILE D 203 0.41 10.21 1.95
CA ILE D 203 0.80 11.08 0.79
C ILE D 203 1.71 12.22 1.31
N ASP D 204 1.33 12.87 2.41
CA ASP D 204 2.08 14.03 3.00
C ASP D 204 3.42 13.54 3.53
N ALA D 205 3.43 12.40 4.23
CA ALA D 205 4.66 11.80 4.79
C ALA D 205 5.60 11.44 3.65
N ALA D 206 5.10 10.88 2.56
CA ALA D 206 5.92 10.57 1.37
C ALA D 206 6.46 11.88 0.77
N LEU D 207 5.64 12.93 0.66
CA LEU D 207 6.14 14.19 0.03
C LEU D 207 7.22 14.78 0.93
N SER D 208 7.07 14.62 2.24
CA SER D 208 8.05 15.13 3.24
C SER D 208 9.32 14.29 3.15
N LEU D 209 9.15 12.99 2.90
CA LEU D 209 10.31 12.06 2.85
C LEU D 209 11.19 12.45 1.65
N LEU D 210 10.60 12.47 0.45
CA LEU D 210 11.36 12.81 -0.79
C LEU D 210 11.81 14.28 -0.71
N GLY D 211 10.99 15.17 -0.11
CA GLY D 211 11.32 16.60 0.05
C GLY D 211 12.66 16.82 0.75
N ALA D 212 13.02 15.96 1.70
CA ALA D 212 14.28 16.04 2.48
C ALA D 212 15.50 16.04 1.57
N PHE D 213 15.46 15.33 0.46
CA PHE D 213 16.58 15.28 -0.51
C PHE D 213 16.69 16.61 -1.28
N VAL D 214 15.58 17.27 -1.60
CA VAL D 214 15.61 18.39 -2.60
C VAL D 214 15.29 19.74 -1.95
N GLY D 215 14.80 19.76 -0.71
CA GLY D 215 14.23 20.98 -0.09
C GLY D 215 15.30 21.81 0.64
N PRO D 216 15.03 23.10 0.93
CA PRO D 216 15.91 23.89 1.80
C PRO D 216 15.85 23.40 3.25
N SER D 217 16.79 23.78 4.12
CA SER D 217 16.66 23.56 5.58
C SER D 217 15.59 24.50 6.13
N VAL D 218 14.72 24.01 7.00
CA VAL D 218 13.54 24.80 7.43
C VAL D 218 13.97 25.76 8.55
N ASN D 219 14.93 25.37 9.42
CA ASN D 219 15.34 26.20 10.59
C ASN D 219 16.73 25.79 11.05
N PRO D 220 17.79 26.06 10.26
CA PRO D 220 19.16 25.64 10.56
C PRO D 220 19.84 26.29 11.77
N ALA D 221 21.12 25.95 11.99
CA ALA D 221 22.07 26.55 12.95
C ALA D 221 21.37 26.59 14.30
N THR D 222 21.43 27.72 15.02
CA THR D 222 20.59 27.98 16.23
C THR D 222 20.96 29.37 16.77
#